data_7S2L
#
_entry.id   7S2L
#
_cell.length_a   123.804
_cell.length_b   123.804
_cell.length_c   434.424
_cell.angle_alpha   90.000
_cell.angle_beta   90.000
_cell.angle_gamma   120.000
#
_symmetry.space_group_name_H-M   'P 65 2 2'
#
loop_
_entity.id
_entity.type
_entity.pdbx_description
1 polymer Sul3
2 non-polymer GLYCEROL
3 non-polymer 'CHLORIDE ION'
4 non-polymer 'SULFATE ION'
5 water water
#
_entity_poly.entity_id   1
_entity_poly.type   'polypeptide(L)'
_entity_poly.pdbx_seq_one_letter_code
;QGMSKIFGIVNITTDSFSDGGLYLDTDKAIEHALHLVEDGADVIDLGAASSNPDTTEVGVVEEIKRLKPVIKALKEKGIS
ISVDTFKPEVQSFCIAAAVDFINDIQGFPYPEIYSGLAKSDCKLVLMHSVQRIGAATKVETNPEEVFTSMMEFFKERIAA
LVEAGVKRERIILDPGMGFFLGSNPETSILVLKRFPEIQEAFNLQVMIAVSRKSFLGKITGTDVKSRLAPTLAAEMYAYK
KGADYLRTHDVKSLSDALKISKALG
;
_entity_poly.pdbx_strand_id   A,B,C,D
#
# COMPACT_ATOMS: atom_id res chain seq x y z
N GLN A 1 -39.39 -8.65 22.98
CA GLN A 1 -39.75 -8.04 21.71
C GLN A 1 -38.51 -7.80 20.83
N GLY A 2 -38.66 -7.02 19.77
CA GLY A 2 -37.55 -6.75 18.87
C GLY A 2 -36.48 -5.89 19.52
N MET A 3 -35.29 -5.93 18.93
CA MET A 3 -34.15 -5.19 19.45
C MET A 3 -33.15 -4.96 18.33
N SER A 4 -32.70 -3.71 18.17
CA SER A 4 -31.71 -3.38 17.17
C SER A 4 -30.42 -4.18 17.40
N LYS A 5 -29.84 -4.68 16.31
CA LYS A 5 -28.56 -5.36 16.37
C LYS A 5 -27.43 -4.35 16.22
N ILE A 6 -26.33 -4.59 16.94
CA ILE A 6 -25.27 -3.59 17.06
C ILE A 6 -24.09 -3.98 16.19
N PHE A 7 -23.73 -3.09 15.27
CA PHE A 7 -22.54 -3.22 14.44
C PHE A 7 -21.40 -2.45 15.11
N GLY A 8 -20.35 -3.17 15.51
CA GLY A 8 -19.25 -2.52 16.19
C GLY A 8 -18.17 -2.04 15.25
N ILE A 9 -17.99 -0.72 15.17
CA ILE A 9 -17.07 -0.14 14.19
C ILE A 9 -15.64 -0.37 14.64
N VAL A 10 -14.85 -1.00 13.79
CA VAL A 10 -13.43 -1.25 14.02
C VAL A 10 -12.67 -0.83 12.77
N ASN A 11 -11.95 0.28 12.85
CA ASN A 11 -11.14 0.79 11.75
C ASN A 11 -9.70 0.36 11.99
N ILE A 12 -9.18 -0.53 11.13
CA ILE A 12 -7.85 -1.06 11.33
C ILE A 12 -6.79 0.04 11.28
N THR A 13 -7.01 1.08 10.47
CA THR A 13 -5.97 2.08 10.26
C THR A 13 -5.79 2.96 11.50
N THR A 14 -6.89 3.49 12.04
CA THR A 14 -6.78 4.34 13.24
C THR A 14 -6.33 3.52 14.45
N ASP A 15 -6.84 2.31 14.60
CA ASP A 15 -6.45 1.47 15.73
C ASP A 15 -4.98 1.10 15.68
N SER A 16 -4.44 0.94 14.47
CA SER A 16 -3.02 0.58 14.33
C SER A 16 -2.10 1.79 14.46
N PHE A 17 -2.62 3.01 14.31
CA PHE A 17 -1.80 4.21 14.31
C PHE A 17 -1.95 5.04 15.57
N SER A 18 -2.79 4.62 16.52
CA SER A 18 -3.03 5.44 17.71
C SER A 18 -1.81 5.51 18.63
N ASP A 19 -0.94 4.49 18.58
CA ASP A 19 0.26 4.51 19.41
C ASP A 19 1.20 5.63 18.99
N GLY A 20 1.21 5.98 17.70
CA GLY A 20 2.20 6.88 17.15
C GLY A 20 3.45 6.21 16.65
N GLY A 21 3.53 4.87 16.72
CA GLY A 21 4.74 4.18 16.32
C GLY A 21 4.89 3.99 14.84
N LEU A 22 3.98 4.56 14.05
CA LEU A 22 3.98 4.43 12.59
C LEU A 22 4.08 2.95 12.21
N TYR A 23 3.19 2.16 12.79
CA TYR A 23 3.17 0.72 12.61
C TYR A 23 1.81 0.29 12.07
N LEU A 24 1.81 -0.53 11.01
CA LEU A 24 0.59 -1.18 10.57
C LEU A 24 0.41 -2.45 11.42
N ASP A 25 -0.23 -2.30 12.58
CA ASP A 25 -0.39 -3.37 13.54
C ASP A 25 -1.85 -3.77 13.61
N THR A 26 -2.22 -4.84 12.91
CA THR A 26 -3.57 -5.37 13.00
C THR A 26 -3.87 -5.92 14.38
N ASP A 27 -2.82 -6.25 15.16
CA ASP A 27 -3.04 -6.81 16.50
C ASP A 27 -3.84 -5.86 17.38
N LYS A 28 -3.57 -4.55 17.28
CA LYS A 28 -4.30 -3.59 18.11
C LYS A 28 -5.78 -3.54 17.75
N ALA A 29 -6.11 -3.71 16.47
CA ALA A 29 -7.50 -3.71 16.02
C ALA A 29 -8.20 -5.04 16.24
N ILE A 30 -7.46 -6.14 16.32
CA ILE A 30 -8.05 -7.41 16.70
C ILE A 30 -8.54 -7.36 18.15
N GLU A 31 -7.70 -6.85 19.04
CA GLU A 31 -8.09 -6.75 20.44
C GLU A 31 -9.24 -5.75 20.61
N HIS A 32 -9.19 -4.63 19.88
CA HIS A 32 -10.31 -3.70 19.93
C HIS A 32 -11.61 -4.37 19.49
N ALA A 33 -11.54 -5.20 18.45
CA ALA A 33 -12.70 -5.94 18.00
C ALA A 33 -13.21 -6.88 19.09
N LEU A 34 -12.29 -7.61 19.73
CA LEU A 34 -12.70 -8.52 20.80
C LEU A 34 -13.35 -7.77 21.96
N HIS A 35 -12.87 -6.56 22.26
CA HIS A 35 -13.49 -5.73 23.29
C HIS A 35 -14.94 -5.39 22.91
N LEU A 36 -15.18 -5.08 21.64
CA LEU A 36 -16.53 -4.68 21.23
C LEU A 36 -17.51 -5.83 21.39
N VAL A 37 -17.07 -7.05 21.09
CA VAL A 37 -17.93 -8.22 21.31
C VAL A 37 -18.25 -8.38 22.79
N GLU A 38 -17.27 -8.14 23.66
CA GLU A 38 -17.52 -8.26 25.09
C GLU A 38 -18.51 -7.20 25.56
N ASP A 39 -18.44 -6.00 24.98
CA ASP A 39 -19.39 -4.94 25.31
C ASP A 39 -20.78 -5.21 24.73
N GLY A 40 -20.91 -6.21 23.87
CA GLY A 40 -22.21 -6.60 23.37
C GLY A 40 -22.44 -6.28 21.91
N ALA A 41 -21.38 -6.29 21.10
CA ALA A 41 -21.53 -6.08 19.66
C ALA A 41 -22.00 -7.37 19.01
N ASP A 42 -23.08 -7.29 18.24
CA ASP A 42 -23.55 -8.46 17.53
C ASP A 42 -22.67 -8.76 16.34
N VAL A 43 -22.27 -7.72 15.62
CA VAL A 43 -21.47 -7.82 14.40
C VAL A 43 -20.34 -6.82 14.50
N ILE A 44 -19.15 -7.21 14.04
CA ILE A 44 -18.01 -6.31 13.94
C ILE A 44 -17.93 -5.78 12.51
N ASP A 45 -17.86 -4.45 12.37
CA ASP A 45 -17.79 -3.79 11.08
C ASP A 45 -16.35 -3.39 10.77
N LEU A 46 -15.71 -4.11 9.85
CA LEU A 46 -14.30 -3.92 9.52
C LEU A 46 -14.08 -2.82 8.50
N GLY A 47 -13.00 -2.06 8.68
CA GLY A 47 -12.64 -1.00 7.77
C GLY A 47 -11.14 -0.88 7.62
N ALA A 48 -10.63 -1.19 6.43
CA ALA A 48 -9.19 -1.13 6.18
C ALA A 48 -8.76 0.17 5.52
N ALA A 49 -9.71 1.00 5.10
CA ALA A 49 -9.42 2.33 4.58
C ALA A 49 -10.45 3.30 5.13
N SER A 50 -10.29 4.58 4.81
CA SER A 50 -11.26 5.59 5.18
C SER A 50 -12.36 5.70 4.12
N SER A 51 -13.53 6.19 4.56
CA SER A 51 -14.68 6.29 3.66
C SER A 51 -14.55 7.48 2.71
N ASN A 52 -13.98 8.60 3.16
CA ASN A 52 -13.63 9.66 2.23
C ASN A 52 -12.21 9.41 1.74
N PRO A 53 -12.05 8.85 0.50
CA PRO A 53 -10.73 8.42 0.03
C PRO A 53 -9.93 9.51 -0.67
N ASP A 54 -9.87 10.69 -0.03
CA ASP A 54 -8.91 11.70 -0.45
C ASP A 54 -7.48 11.23 -0.21
N THR A 55 -7.30 10.36 0.78
CA THR A 55 -6.00 9.78 1.13
C THR A 55 -5.19 9.26 -0.07
N THR A 56 -3.87 9.44 0.00
CA THR A 56 -2.99 9.08 -1.09
C THR A 56 -3.00 7.60 -1.49
N GLU A 57 -3.05 6.70 -0.52
CA GLU A 57 -3.05 5.28 -0.88
C GLU A 57 -4.40 4.59 -0.69
N VAL A 58 -4.97 4.12 -1.80
CA VAL A 58 -6.25 3.42 -1.79
C VAL A 58 -6.06 1.98 -2.24
N GLY A 59 -4.79 1.57 -2.30
CA GLY A 59 -4.37 0.23 -2.69
C GLY A 59 -5.26 -0.97 -2.37
N VAL A 60 -5.60 -1.72 -3.41
CA VAL A 60 -6.42 -2.91 -3.29
C VAL A 60 -5.63 -4.04 -2.64
N VAL A 61 -4.33 -4.11 -2.92
CA VAL A 61 -3.51 -5.19 -2.38
C VAL A 61 -3.28 -5.01 -0.88
N GLU A 62 -3.11 -3.75 -0.43
CA GLU A 62 -2.91 -3.52 1.00
C GLU A 62 -4.22 -3.56 1.78
N GLU A 63 -5.32 -3.06 1.20
CA GLU A 63 -6.63 -3.17 1.84
C GLU A 63 -6.96 -4.62 2.18
N ILE A 64 -6.54 -5.56 1.33
CA ILE A 64 -6.70 -6.97 1.66
C ILE A 64 -5.65 -7.42 2.68
N LYS A 65 -4.44 -6.86 2.62
CA LYS A 65 -3.39 -7.23 3.56
C LYS A 65 -3.77 -6.90 5.01
N ARG A 66 -4.58 -5.86 5.21
CA ARG A 66 -5.04 -5.46 6.52
C ARG A 66 -6.23 -6.27 7.00
N LEU A 67 -7.24 -6.49 6.15
CA LEU A 67 -8.35 -7.33 6.53
C LEU A 67 -7.95 -8.79 6.73
N LYS A 68 -6.82 -9.21 6.16
CA LYS A 68 -6.46 -10.63 6.17
C LYS A 68 -6.28 -11.18 7.58
N PRO A 69 -5.42 -10.64 8.43
CA PRO A 69 -5.24 -11.27 9.76
C PRO A 69 -6.41 -11.00 10.69
N VAL A 70 -7.11 -9.88 10.53
CA VAL A 70 -8.23 -9.59 11.40
C VAL A 70 -9.39 -10.54 11.12
N ILE A 71 -9.70 -10.78 9.84
CA ILE A 71 -10.79 -11.70 9.52
C ILE A 71 -10.45 -13.09 10.01
N LYS A 72 -9.19 -13.51 9.83
CA LYS A 72 -8.79 -14.83 10.29
C LYS A 72 -9.02 -14.98 11.79
N ALA A 73 -8.52 -14.02 12.59
CA ALA A 73 -8.61 -14.15 14.04
C ALA A 73 -10.05 -14.04 14.53
N LEU A 74 -10.84 -13.17 13.91
CA LEU A 74 -12.23 -13.00 14.35
C LEU A 74 -13.09 -14.17 13.95
N LYS A 75 -12.87 -14.74 12.76
CA LYS A 75 -13.69 -15.86 12.31
C LYS A 75 -13.47 -17.10 13.16
N GLU A 76 -12.24 -17.31 13.65
CA GLU A 76 -11.97 -18.46 14.51
C GLU A 76 -12.64 -18.34 15.87
N LYS A 77 -12.99 -17.13 16.31
CA LYS A 77 -13.71 -16.95 17.56
C LYS A 77 -15.22 -16.85 17.38
N GLY A 78 -15.72 -17.11 16.17
CA GLY A 78 -17.14 -17.13 15.91
C GLY A 78 -17.76 -15.77 15.70
N ILE A 79 -16.96 -14.74 15.46
CA ILE A 79 -17.45 -13.37 15.41
C ILE A 79 -18.08 -13.09 14.05
N SER A 80 -19.31 -12.60 14.06
CA SER A 80 -19.99 -12.18 12.83
C SER A 80 -19.26 -10.96 12.25
N ILE A 81 -18.64 -11.13 11.08
CA ILE A 81 -17.79 -10.10 10.49
C ILE A 81 -18.55 -9.36 9.39
N SER A 82 -18.42 -8.03 9.41
CA SER A 82 -18.90 -7.19 8.33
C SER A 82 -17.74 -6.32 7.86
N VAL A 83 -17.45 -6.35 6.56
CA VAL A 83 -16.38 -5.56 5.98
C VAL A 83 -16.99 -4.40 5.21
N ASP A 84 -16.46 -3.22 5.44
CA ASP A 84 -16.97 -1.99 4.84
C ASP A 84 -15.96 -1.61 3.77
N THR A 85 -16.36 -1.70 2.51
CA THR A 85 -15.46 -1.42 1.40
C THR A 85 -16.27 -1.21 0.13
N PHE A 86 -15.75 -0.33 -0.72
CA PHE A 86 -16.39 -0.01 -1.99
C PHE A 86 -15.69 -0.61 -3.20
N LYS A 87 -14.48 -1.17 -3.03
CA LYS A 87 -13.70 -1.68 -4.15
C LYS A 87 -14.13 -3.10 -4.49
N PRO A 88 -14.56 -3.38 -5.73
CA PRO A 88 -15.04 -4.73 -6.06
C PRO A 88 -13.98 -5.79 -5.84
N GLU A 89 -12.71 -5.47 -6.05
CA GLU A 89 -11.66 -6.45 -5.81
C GLU A 89 -11.52 -6.78 -4.34
N VAL A 90 -11.79 -5.80 -3.46
CA VAL A 90 -11.74 -6.06 -2.04
C VAL A 90 -12.96 -6.84 -1.58
N GLN A 91 -14.14 -6.52 -2.13
CA GLN A 91 -15.32 -7.32 -1.84
C GLN A 91 -15.19 -8.74 -2.37
N SER A 92 -14.48 -8.92 -3.48
CA SER A 92 -14.26 -10.27 -4.01
C SER A 92 -13.52 -11.13 -3.00
N PHE A 93 -12.53 -10.55 -2.30
CA PHE A 93 -11.85 -11.28 -1.25
C PHE A 93 -12.80 -11.58 -0.09
N CYS A 94 -13.70 -10.64 0.21
CA CYS A 94 -14.69 -10.84 1.27
C CYS A 94 -15.62 -12.00 0.94
N ILE A 95 -16.02 -12.13 -0.33
CA ILE A 95 -16.77 -13.31 -0.75
C ILE A 95 -15.92 -14.56 -0.56
N ALA A 96 -14.62 -14.45 -0.83
CA ALA A 96 -13.76 -15.63 -0.77
C ALA A 96 -13.49 -16.04 0.68
N ALA A 97 -13.60 -15.09 1.61
CA ALA A 97 -13.44 -15.38 3.02
C ALA A 97 -14.75 -15.72 3.70
N ALA A 98 -15.87 -15.58 2.98
CA ALA A 98 -17.20 -15.89 3.51
C ALA A 98 -17.48 -15.09 4.78
N VAL A 99 -17.22 -13.78 4.71
CA VAL A 99 -17.65 -12.90 5.78
C VAL A 99 -19.17 -12.80 5.77
N ASP A 100 -19.72 -12.35 6.91
CA ASP A 100 -21.16 -12.35 7.07
C ASP A 100 -21.83 -11.16 6.39
N PHE A 101 -21.17 -10.02 6.32
CA PHE A 101 -21.74 -8.84 5.68
C PHE A 101 -20.70 -8.18 4.77
N ILE A 102 -21.20 -7.43 3.79
CA ILE A 102 -20.37 -6.57 2.96
C ILE A 102 -21.03 -5.19 2.93
N ASN A 103 -20.28 -4.16 3.31
CA ASN A 103 -20.81 -2.80 3.43
C ASN A 103 -20.23 -1.93 2.33
N ASP A 104 -21.07 -1.54 1.37
CA ASP A 104 -20.67 -0.77 0.19
C ASP A 104 -21.27 0.63 0.26
N ILE A 105 -20.43 1.62 0.57
CA ILE A 105 -20.86 3.01 0.48
C ILE A 105 -21.36 3.34 -0.91
N GLN A 106 -20.94 2.57 -1.92
CA GLN A 106 -21.35 2.78 -3.30
C GLN A 106 -22.57 1.96 -3.70
N GLY A 107 -22.98 1.00 -2.87
CA GLY A 107 -24.20 0.27 -3.12
C GLY A 107 -24.13 -0.73 -4.27
N PHE A 108 -22.96 -1.34 -4.48
CA PHE A 108 -22.77 -2.38 -5.49
C PHE A 108 -23.23 -1.91 -6.86
N PRO A 109 -22.52 -0.97 -7.49
CA PRO A 109 -22.88 -0.54 -8.86
C PRO A 109 -22.10 -1.27 -9.96
N TYR A 110 -21.34 -2.33 -9.63
CA TYR A 110 -20.53 -3.05 -10.60
C TYR A 110 -21.17 -4.41 -10.89
N PRO A 111 -21.91 -4.56 -11.98
CA PRO A 111 -22.61 -5.84 -12.22
C PRO A 111 -21.66 -6.98 -12.54
N GLU A 112 -20.39 -6.68 -12.83
CA GLU A 112 -19.39 -7.71 -12.99
C GLU A 112 -19.41 -8.70 -11.83
N ILE A 113 -19.67 -8.18 -10.62
CA ILE A 113 -19.51 -8.95 -9.39
C ILE A 113 -20.82 -9.56 -8.90
N TYR A 114 -21.95 -9.20 -9.53
CA TYR A 114 -23.26 -9.60 -9.01
C TYR A 114 -23.40 -11.11 -8.90
N SER A 115 -22.97 -11.85 -9.93
CA SER A 115 -23.19 -13.29 -9.94
C SER A 115 -22.51 -13.98 -8.77
N GLY A 116 -21.37 -13.48 -8.33
CA GLY A 116 -20.68 -14.06 -7.19
C GLY A 116 -21.34 -13.70 -5.87
N LEU A 117 -21.79 -12.44 -5.75
CA LEU A 117 -22.56 -12.04 -4.57
C LEU A 117 -23.78 -12.91 -4.38
N ALA A 118 -24.42 -13.31 -5.48
CA ALA A 118 -25.61 -14.16 -5.37
C ALA A 118 -25.24 -15.52 -4.79
N LYS A 119 -24.20 -16.15 -5.32
CA LYS A 119 -23.87 -17.50 -4.92
C LYS A 119 -23.52 -17.57 -3.44
N SER A 120 -22.83 -16.56 -2.93
CA SER A 120 -22.45 -16.52 -1.52
C SER A 120 -23.64 -16.12 -0.65
N ASP A 121 -23.64 -16.63 0.57
CA ASP A 121 -24.67 -16.31 1.56
C ASP A 121 -24.39 -14.99 2.29
N CYS A 122 -23.49 -14.16 1.77
CA CYS A 122 -23.19 -12.87 2.37
C CYS A 122 -24.42 -11.97 2.36
N LYS A 123 -24.73 -11.39 3.52
CA LYS A 123 -25.73 -10.33 3.57
C LYS A 123 -25.10 -9.06 3.04
N LEU A 124 -25.83 -8.33 2.21
CA LEU A 124 -25.36 -7.07 1.67
C LEU A 124 -26.08 -5.93 2.38
N VAL A 125 -25.34 -4.92 2.81
CA VAL A 125 -25.92 -3.67 3.28
C VAL A 125 -25.70 -2.63 2.19
N LEU A 126 -26.78 -2.07 1.70
CA LEU A 126 -26.82 -1.30 0.47
C LEU A 126 -26.96 0.18 0.85
N MET A 127 -25.84 0.90 0.89
CA MET A 127 -25.88 2.29 1.29
C MET A 127 -26.17 3.23 0.13
N HIS A 128 -27.13 4.13 0.35
CA HIS A 128 -27.33 5.28 -0.50
C HIS A 128 -26.34 6.37 -0.13
N SER A 129 -25.68 6.95 -1.13
CA SER A 129 -24.74 8.03 -0.92
C SER A 129 -24.94 9.09 -1.98
N VAL A 130 -25.14 10.32 -1.53
CA VAL A 130 -25.34 11.42 -2.45
C VAL A 130 -24.04 11.83 -3.12
N GLN A 131 -22.90 11.50 -2.51
CA GLN A 131 -21.60 11.96 -2.99
C GLN A 131 -20.99 10.96 -3.95
N ARG A 132 -20.00 11.43 -4.71
CA ARG A 132 -19.24 10.58 -5.62
C ARG A 132 -17.79 10.55 -5.17
N ILE A 133 -17.18 9.36 -5.19
CA ILE A 133 -15.81 9.21 -4.74
C ILE A 133 -14.87 9.93 -5.69
N GLY A 134 -13.99 10.77 -5.14
CA GLY A 134 -13.05 11.54 -5.90
C GLY A 134 -13.51 12.95 -6.23
N ALA A 135 -14.81 13.16 -6.36
CA ALA A 135 -15.36 14.47 -6.70
C ALA A 135 -15.48 15.34 -5.46
N ALA A 136 -15.83 16.60 -5.68
CA ALA A 136 -15.96 17.57 -4.60
C ALA A 136 -17.11 17.21 -3.67
N THR A 137 -17.08 17.77 -2.48
CA THR A 137 -18.14 17.53 -1.51
C THR A 137 -19.42 18.23 -1.93
N LYS A 138 -20.52 17.49 -1.91
CA LYS A 138 -21.82 18.01 -2.29
C LYS A 138 -22.59 18.45 -1.05
N VAL A 139 -23.18 19.63 -1.12
CA VAL A 139 -24.04 20.15 -0.05
C VAL A 139 -25.48 20.08 -0.54
N GLU A 140 -26.08 18.90 -0.50
CA GLU A 140 -27.44 18.73 -1.01
C GLU A 140 -28.40 19.59 -0.21
N THR A 141 -28.87 20.67 -0.83
CA THR A 141 -29.64 21.71 -0.16
C THR A 141 -31.10 21.30 0.05
N ASN A 142 -31.64 20.41 -0.78
CA ASN A 142 -33.05 20.05 -0.76
C ASN A 142 -33.25 18.69 -0.09
N PRO A 143 -33.63 18.64 1.19
CA PRO A 143 -33.73 17.34 1.87
C PRO A 143 -34.76 16.41 1.26
N GLU A 144 -35.97 16.90 0.96
CA GLU A 144 -36.99 16.04 0.38
C GLU A 144 -36.57 15.52 -0.99
N GLU A 145 -35.77 16.29 -1.73
CA GLU A 145 -35.22 15.78 -2.98
C GLU A 145 -34.27 14.62 -2.73
N VAL A 146 -33.42 14.73 -1.70
CA VAL A 146 -32.50 13.65 -1.38
C VAL A 146 -33.27 12.42 -0.92
N PHE A 147 -34.41 12.61 -0.26
CA PHE A 147 -35.14 11.46 0.24
C PHE A 147 -35.83 10.70 -0.89
N THR A 148 -36.51 11.40 -1.80
CA THR A 148 -37.18 10.71 -2.91
C THR A 148 -36.15 10.08 -3.85
N SER A 149 -35.09 10.82 -4.16
CA SER A 149 -34.00 10.25 -4.95
C SER A 149 -33.43 9.00 -4.29
N MET A 150 -33.26 9.03 -2.97
CA MET A 150 -32.82 7.86 -2.24
C MET A 150 -33.76 6.69 -2.46
N MET A 151 -35.08 6.96 -2.49
CA MET A 151 -36.04 5.90 -2.67
C MET A 151 -35.98 5.33 -4.09
N GLU A 152 -35.80 6.22 -5.09
CA GLU A 152 -35.62 5.75 -6.45
C GLU A 152 -34.33 4.93 -6.59
N PHE A 153 -33.23 5.44 -6.02
CA PHE A 153 -31.96 4.72 -6.13
C PHE A 153 -32.04 3.33 -5.54
N PHE A 154 -32.84 3.15 -4.47
CA PHE A 154 -33.02 1.84 -3.89
C PHE A 154 -33.88 0.96 -4.79
N LYS A 155 -35.06 1.46 -5.19
CA LYS A 155 -35.98 0.67 -6.02
C LYS A 155 -35.29 0.11 -7.26
N GLU A 156 -34.37 0.88 -7.85
CA GLU A 156 -33.65 0.40 -9.03
C GLU A 156 -32.57 -0.61 -8.64
N ARG A 157 -31.80 -0.31 -7.59
CA ARG A 157 -30.65 -1.15 -7.26
C ARG A 157 -31.08 -2.48 -6.65
N ILE A 158 -32.16 -2.48 -5.87
CA ILE A 158 -32.66 -3.74 -5.32
C ILE A 158 -33.12 -4.66 -6.44
N ALA A 159 -33.86 -4.11 -7.41
CA ALA A 159 -34.33 -4.92 -8.53
C ALA A 159 -33.16 -5.41 -9.37
N ALA A 160 -32.12 -4.59 -9.52
CA ALA A 160 -30.95 -5.01 -10.29
C ALA A 160 -30.24 -6.17 -9.62
N LEU A 161 -30.09 -6.12 -8.30
CA LEU A 161 -29.43 -7.21 -7.58
C LEU A 161 -30.29 -8.47 -7.59
N VAL A 162 -31.61 -8.31 -7.51
CA VAL A 162 -32.45 -9.50 -7.40
C VAL A 162 -32.58 -10.18 -8.74
N GLU A 163 -32.50 -9.42 -9.83
CA GLU A 163 -32.48 -10.03 -11.17
C GLU A 163 -31.21 -10.81 -11.38
N ALA A 164 -30.08 -10.32 -10.85
CA ALA A 164 -28.82 -11.00 -11.01
C ALA A 164 -28.78 -12.32 -10.24
N GLY A 165 -29.73 -12.54 -9.34
CA GLY A 165 -29.79 -13.78 -8.58
C GLY A 165 -29.61 -13.63 -7.08
N VAL A 166 -29.37 -12.42 -6.56
CA VAL A 166 -29.22 -12.25 -5.12
C VAL A 166 -30.58 -12.37 -4.46
N LYS A 167 -30.67 -13.22 -3.43
CA LYS A 167 -31.89 -13.32 -2.65
C LYS A 167 -32.16 -11.99 -1.96
N ARG A 168 -33.40 -11.50 -2.09
CA ARG A 168 -33.66 -10.12 -1.67
C ARG A 168 -33.66 -9.96 -0.16
N GLU A 169 -34.06 -10.98 0.59
CA GLU A 169 -34.10 -10.84 2.04
C GLU A 169 -32.71 -10.91 2.67
N ARG A 170 -31.66 -10.93 1.85
CA ARG A 170 -30.30 -10.76 2.32
C ARG A 170 -29.77 -9.36 2.07
N ILE A 171 -30.65 -8.40 1.75
CA ILE A 171 -30.26 -7.03 1.50
C ILE A 171 -30.70 -6.17 2.67
N ILE A 172 -29.78 -5.36 3.18
CA ILE A 172 -30.06 -4.36 4.19
C ILE A 172 -29.86 -2.99 3.56
N LEU A 173 -30.80 -2.08 3.79
CA LEU A 173 -30.75 -0.74 3.22
C LEU A 173 -30.24 0.24 4.28
N ASP A 174 -29.12 0.90 3.96
CA ASP A 174 -28.60 2.01 4.75
C ASP A 174 -28.85 3.31 4.00
N PRO A 175 -29.83 4.13 4.39
CA PRO A 175 -30.08 5.38 3.67
C PRO A 175 -28.95 6.38 3.74
N GLY A 176 -27.91 6.13 4.52
CA GLY A 176 -26.83 7.07 4.67
C GLY A 176 -27.17 8.17 5.67
N MET A 177 -26.12 8.76 6.22
CA MET A 177 -26.29 9.75 7.28
C MET A 177 -25.20 10.80 7.21
N GLY A 178 -25.57 12.04 7.50
CA GLY A 178 -24.59 13.11 7.63
C GLY A 178 -23.91 13.50 6.34
N PHE A 179 -22.73 12.94 6.11
CA PHE A 179 -21.97 13.25 4.90
C PHE A 179 -22.64 12.66 3.67
N PHE A 180 -23.22 11.48 3.80
CA PHE A 180 -23.82 10.78 2.68
C PHE A 180 -25.17 11.34 2.27
N LEU A 181 -25.69 12.35 2.97
CA LEU A 181 -26.93 12.99 2.57
C LEU A 181 -26.73 14.44 2.17
N GLY A 182 -25.49 14.89 2.06
CA GLY A 182 -25.23 16.32 1.91
C GLY A 182 -24.89 16.94 3.24
N SER A 183 -23.97 17.91 3.25
CA SER A 183 -23.55 18.51 4.51
C SER A 183 -24.68 19.27 5.19
N ASN A 184 -25.85 19.34 4.57
CA ASN A 184 -27.03 19.90 5.23
C ASN A 184 -27.42 19.01 6.39
N PRO A 185 -27.48 19.53 7.62
CA PRO A 185 -27.94 18.70 8.74
C PRO A 185 -29.40 18.30 8.60
N GLU A 186 -30.27 19.21 8.16
CA GLU A 186 -31.70 18.95 8.23
C GLU A 186 -32.09 17.70 7.47
N THR A 187 -31.41 17.42 6.34
CA THR A 187 -31.72 16.20 5.60
C THR A 187 -31.30 14.96 6.38
N SER A 188 -30.25 15.06 7.19
CA SER A 188 -29.92 13.98 8.11
C SER A 188 -31.07 13.74 9.10
N ILE A 189 -31.63 14.81 9.67
CA ILE A 189 -32.76 14.63 10.60
C ILE A 189 -33.97 14.05 9.86
N LEU A 190 -34.17 14.49 8.62
CA LEU A 190 -35.31 14.02 7.83
C LEU A 190 -35.26 12.51 7.64
N VAL A 191 -34.10 11.98 7.24
CA VAL A 191 -33.98 10.54 7.04
C VAL A 191 -34.17 9.80 8.36
N LEU A 192 -33.67 10.39 9.46
CA LEU A 192 -33.78 9.77 10.77
C LEU A 192 -35.23 9.60 11.19
N LYS A 193 -36.06 10.61 10.99
CA LYS A 193 -37.45 10.50 11.39
C LYS A 193 -38.34 9.94 10.28
N ARG A 194 -37.76 9.48 9.17
CA ARG A 194 -38.57 8.93 8.10
C ARG A 194 -38.13 7.53 7.66
N PHE A 195 -37.11 6.95 8.29
CA PHE A 195 -36.66 5.63 7.84
C PHE A 195 -37.71 4.53 7.94
N PRO A 196 -38.71 4.56 8.85
CA PRO A 196 -39.72 3.50 8.80
C PRO A 196 -40.44 3.41 7.46
N GLU A 197 -40.55 4.52 6.72
CA GLU A 197 -41.13 4.46 5.38
C GLU A 197 -40.31 3.57 4.45
N ILE A 198 -38.98 3.61 4.61
CA ILE A 198 -38.10 2.74 3.82
C ILE A 198 -38.39 1.27 4.09
N GLN A 199 -38.58 0.91 5.36
CA GLN A 199 -38.93 -0.46 5.70
C GLN A 199 -40.25 -0.85 5.07
N GLU A 200 -41.29 -0.03 5.27
CA GLU A 200 -42.60 -0.37 4.74
C GLU A 200 -42.59 -0.42 3.22
N ALA A 201 -41.83 0.48 2.58
CA ALA A 201 -41.83 0.56 1.12
C ALA A 201 -41.12 -0.61 0.46
N PHE A 202 -40.30 -1.35 1.20
CA PHE A 202 -39.49 -2.41 0.61
C PHE A 202 -39.49 -3.72 1.40
N ASN A 203 -40.05 -3.74 2.60
CA ASN A 203 -40.01 -4.93 3.45
C ASN A 203 -38.59 -5.46 3.60
N LEU A 204 -37.65 -4.54 3.83
CA LEU A 204 -36.26 -4.88 4.05
C LEU A 204 -35.80 -4.32 5.38
N GLN A 205 -34.72 -4.89 5.91
CA GLN A 205 -34.12 -4.35 7.12
C GLN A 205 -33.42 -3.04 6.82
N VAL A 206 -33.36 -2.17 7.82
CA VAL A 206 -32.77 -0.84 7.66
C VAL A 206 -31.67 -0.69 8.71
N MET A 207 -30.52 -0.16 8.29
CA MET A 207 -29.43 0.17 9.20
C MET A 207 -29.35 1.68 9.36
N ILE A 208 -29.28 2.13 10.61
CA ILE A 208 -29.06 3.53 10.95
C ILE A 208 -27.68 3.65 11.57
N ALA A 209 -26.89 4.58 11.04
CA ALA A 209 -25.50 4.79 11.47
C ALA A 209 -25.32 6.28 11.69
N VAL A 210 -25.59 6.73 12.92
CA VAL A 210 -25.49 8.15 13.28
C VAL A 210 -24.26 8.46 14.12
N SER A 211 -23.57 7.45 14.66
CA SER A 211 -22.55 7.66 15.69
C SER A 211 -21.53 8.73 15.31
N ARG A 212 -21.50 9.80 16.08
CA ARG A 212 -20.50 10.87 16.04
C ARG A 212 -20.57 11.74 14.80
N LYS A 213 -21.58 11.56 13.94
CA LYS A 213 -21.65 12.33 12.70
C LYS A 213 -21.77 13.82 12.99
N SER A 214 -21.16 14.63 12.13
CA SER A 214 -21.04 16.06 12.39
C SER A 214 -22.39 16.77 12.44
N PHE A 215 -23.46 16.17 11.91
CA PHE A 215 -24.75 16.83 12.03
C PHE A 215 -25.21 16.85 13.48
N LEU A 216 -24.91 15.78 14.23
CA LEU A 216 -25.17 15.80 15.66
C LEU A 216 -24.45 16.97 16.33
N GLY A 217 -23.17 17.18 15.99
CA GLY A 217 -22.42 18.28 16.56
C GLY A 217 -22.99 19.64 16.22
N LYS A 218 -23.64 19.78 15.06
CA LYS A 218 -24.18 21.07 14.68
C LYS A 218 -25.47 21.39 15.44
N ILE A 219 -26.18 20.36 15.86
CA ILE A 219 -27.39 20.58 16.64
C ILE A 219 -27.05 20.99 18.07
N THR A 220 -25.97 20.45 18.62
CA THR A 220 -25.61 20.67 20.02
C THR A 220 -24.40 21.55 20.20
N GLY A 221 -23.73 21.95 19.11
CA GLY A 221 -22.54 22.77 19.25
C GLY A 221 -21.40 22.04 19.92
N THR A 222 -21.34 20.73 19.79
CA THR A 222 -20.35 19.91 20.48
C THR A 222 -19.28 19.43 19.51
N ASP A 223 -18.07 19.29 20.04
CA ASP A 223 -16.89 18.84 19.32
C ASP A 223 -16.94 17.32 19.10
N VAL A 224 -16.10 16.82 18.20
CA VAL A 224 -16.13 15.39 17.86
C VAL A 224 -15.78 14.52 19.07
N LYS A 225 -14.89 14.98 19.95
CA LYS A 225 -14.49 14.21 21.13
C LYS A 225 -15.62 14.07 22.15
N SER A 226 -16.70 14.83 22.01
CA SER A 226 -17.79 14.86 22.99
C SER A 226 -19.14 14.79 22.29
N ARG A 227 -19.33 13.73 21.48
CA ARG A 227 -20.59 13.50 20.79
C ARG A 227 -21.36 12.32 21.36
N LEU A 228 -20.87 11.73 22.46
CA LEU A 228 -21.50 10.52 23.00
C LEU A 228 -22.95 10.78 23.37
N ALA A 229 -23.21 11.86 24.11
CA ALA A 229 -24.57 12.13 24.53
C ALA A 229 -25.51 12.37 23.35
N PRO A 230 -25.22 13.27 22.41
CA PRO A 230 -26.12 13.38 21.24
C PRO A 230 -26.18 12.12 20.39
N THR A 231 -25.08 11.35 20.33
CA THR A 231 -25.13 10.02 19.69
C THR A 231 -26.13 9.11 20.38
N LEU A 232 -26.00 8.94 21.71
CA LEU A 232 -26.92 8.06 22.43
C LEU A 232 -28.36 8.52 22.29
N ALA A 233 -28.59 9.83 22.23
CA ALA A 233 -29.93 10.33 22.00
C ALA A 233 -30.48 9.84 20.68
N ALA A 234 -29.64 9.83 19.63
CA ALA A 234 -30.09 9.45 18.30
C ALA A 234 -30.28 7.94 18.18
N GLU A 235 -29.29 7.17 18.64
CA GLU A 235 -29.39 5.72 18.58
C GLU A 235 -30.61 5.22 19.36
N MET A 236 -30.90 5.83 20.50
CA MET A 236 -32.10 5.44 21.22
C MET A 236 -33.34 5.75 20.41
N TYR A 237 -33.36 6.90 19.75
CA TYR A 237 -34.51 7.27 18.94
C TYR A 237 -34.75 6.26 17.83
N ALA A 238 -33.68 5.88 17.12
CA ALA A 238 -33.81 4.90 16.05
C ALA A 238 -34.29 3.55 16.59
N TYR A 239 -33.81 3.18 17.78
CA TYR A 239 -34.24 1.92 18.39
C TYR A 239 -35.75 1.92 18.63
N LYS A 240 -36.25 2.96 19.29
CA LYS A 240 -37.67 2.99 19.64
C LYS A 240 -38.55 2.99 18.40
N LYS A 241 -38.04 3.54 17.28
CA LYS A 241 -38.81 3.59 16.05
C LYS A 241 -38.68 2.34 15.21
N GLY A 242 -37.82 1.41 15.60
CA GLY A 242 -37.73 0.13 14.92
C GLY A 242 -36.54 -0.07 13.99
N ALA A 243 -35.40 0.57 14.26
CA ALA A 243 -34.22 0.31 13.46
C ALA A 243 -33.79 -1.15 13.62
N ASP A 244 -33.44 -1.79 12.51
CA ASP A 244 -33.01 -3.19 12.59
C ASP A 244 -31.54 -3.33 12.97
N TYR A 245 -30.73 -2.34 12.62
CA TYR A 245 -29.29 -2.39 12.87
C TYR A 245 -28.81 -1.00 13.25
N LEU A 246 -27.88 -0.93 14.19
CA LEU A 246 -27.31 0.34 14.61
C LEU A 246 -25.80 0.21 14.54
N ARG A 247 -25.15 1.11 13.81
CA ARG A 247 -23.71 1.12 13.66
C ARG A 247 -23.16 2.18 14.61
N THR A 248 -22.16 1.80 15.40
CA THR A 248 -21.69 2.72 16.43
C THR A 248 -20.26 2.38 16.80
N HIS A 249 -19.56 3.39 17.34
CA HIS A 249 -18.25 3.15 17.95
C HIS A 249 -18.41 2.68 19.39
N ASP A 250 -19.08 3.48 20.23
CA ASP A 250 -19.28 3.14 21.63
C ASP A 250 -20.40 2.11 21.73
N VAL A 251 -20.06 0.87 21.31
CA VAL A 251 -20.99 -0.26 21.41
C VAL A 251 -21.55 -0.34 22.83
N LYS A 252 -20.68 -0.14 23.80
CA LYS A 252 -21.04 -0.43 25.17
C LYS A 252 -21.98 0.62 25.75
N SER A 253 -21.67 1.89 25.51
CA SER A 253 -22.63 2.92 25.85
C SER A 253 -23.96 2.67 25.17
N LEU A 254 -23.93 2.17 23.94
CA LEU A 254 -25.18 1.87 23.25
C LEU A 254 -25.87 0.67 23.89
N SER A 255 -25.11 -0.37 24.20
CA SER A 255 -25.70 -1.52 24.89
C SER A 255 -26.37 -1.08 26.19
N ASP A 256 -25.73 -0.17 26.94
CA ASP A 256 -26.34 0.31 28.17
C ASP A 256 -27.62 1.07 27.88
N ALA A 257 -27.61 1.92 26.84
CA ALA A 257 -28.81 2.65 26.49
C ALA A 257 -29.96 1.71 26.15
N LEU A 258 -29.68 0.66 25.37
CA LEU A 258 -30.72 -0.27 24.98
C LEU A 258 -31.18 -1.13 26.15
N LYS A 259 -30.22 -1.60 26.96
CA LYS A 259 -30.57 -2.38 28.14
C LYS A 259 -31.49 -1.58 29.08
N ILE A 260 -31.15 -0.31 29.33
CA ILE A 260 -31.99 0.51 30.21
C ILE A 260 -33.36 0.73 29.58
N SER A 261 -33.40 0.96 28.26
CA SER A 261 -34.66 1.30 27.61
C SER A 261 -35.59 0.10 27.51
N LYS A 262 -35.04 -1.09 27.25
CA LYS A 262 -35.87 -2.27 27.21
C LYS A 262 -36.41 -2.61 28.60
N ALA A 263 -35.61 -2.41 29.64
CA ALA A 263 -36.07 -2.69 31.00
C ALA A 263 -37.20 -1.76 31.41
N LEU A 264 -37.11 -0.48 31.04
CA LEU A 264 -38.20 0.45 31.32
C LEU A 264 -39.36 0.24 30.36
N GLY A 265 -39.08 0.10 29.08
CA GLY A 265 -40.07 -0.20 28.07
C GLY A 265 -41.02 0.95 27.74
N GLY B 2 -14.19 -42.38 -22.99
CA GLY B 2 -15.02 -41.61 -23.89
C GLY B 2 -14.18 -40.68 -24.75
N MET B 3 -14.27 -39.38 -24.47
CA MET B 3 -13.55 -38.38 -25.21
C MET B 3 -12.95 -37.36 -24.25
N SER B 4 -11.71 -36.96 -24.51
CA SER B 4 -11.08 -35.91 -23.75
C SER B 4 -11.76 -34.58 -24.01
N LYS B 5 -11.99 -33.81 -22.94
CA LYS B 5 -12.50 -32.46 -23.07
C LYS B 5 -11.34 -31.49 -23.27
N ILE B 6 -11.53 -30.50 -24.14
CA ILE B 6 -10.45 -29.63 -24.58
C ILE B 6 -10.47 -28.34 -23.77
N PHE B 7 -9.33 -27.97 -23.21
CA PHE B 7 -9.10 -26.66 -22.62
C PHE B 7 -8.33 -25.81 -23.61
N GLY B 8 -8.88 -24.66 -23.98
CA GLY B 8 -8.22 -23.82 -24.96
C GLY B 8 -7.44 -22.69 -24.34
N ILE B 9 -6.11 -22.75 -24.47
CA ILE B 9 -5.24 -21.75 -23.86
C ILE B 9 -5.40 -20.42 -24.57
N VAL B 10 -5.63 -19.36 -23.79
CA VAL B 10 -5.69 -17.99 -24.29
C VAL B 10 -4.87 -17.14 -23.30
N ASN B 11 -3.66 -16.79 -23.68
CA ASN B 11 -2.74 -16.07 -22.81
C ASN B 11 -2.69 -14.59 -23.24
N ILE B 12 -3.28 -13.72 -22.43
CA ILE B 12 -3.30 -12.29 -22.68
C ILE B 12 -2.14 -11.67 -21.89
N THR B 13 -1.12 -12.48 -21.62
CA THR B 13 -0.14 -12.18 -20.58
C THR B 13 1.24 -11.78 -21.08
N THR B 14 1.58 -12.01 -22.34
CA THR B 14 2.94 -11.78 -22.80
C THR B 14 3.34 -10.30 -22.67
N ASP B 19 7.35 -13.42 -23.74
CA ASP B 19 6.78 -13.72 -25.04
C ASP B 19 7.55 -14.86 -25.74
N GLY B 20 6.90 -15.53 -26.69
CA GLY B 20 7.51 -16.61 -27.43
C GLY B 20 6.54 -17.42 -28.27
N GLY B 21 6.48 -17.11 -29.57
CA GLY B 21 5.57 -17.79 -30.48
C GLY B 21 4.27 -17.05 -30.74
N LEU B 22 3.50 -16.81 -29.68
CA LEU B 22 2.20 -16.15 -29.77
C LEU B 22 2.10 -15.11 -28.65
N TYR B 23 1.26 -14.11 -28.86
CA TYR B 23 1.12 -13.00 -27.90
C TYR B 23 -0.36 -12.77 -27.56
N LEU B 24 -0.65 -11.56 -27.04
CA LEU B 24 -1.95 -11.22 -26.48
C LEU B 24 -2.75 -10.35 -27.45
N ASP B 25 -3.99 -10.06 -27.04
CA ASP B 25 -4.83 -9.10 -27.73
C ASP B 25 -5.80 -8.50 -26.71
N THR B 26 -6.15 -7.23 -26.92
CA THR B 26 -7.09 -6.57 -26.03
C THR B 26 -8.51 -7.09 -26.25
N ASP B 27 -9.03 -6.91 -27.46
CA ASP B 27 -10.35 -7.41 -27.81
C ASP B 27 -10.31 -8.72 -28.59
N LYS B 28 -9.31 -8.91 -29.45
CA LYS B 28 -9.24 -10.12 -30.25
C LYS B 28 -8.97 -11.36 -29.40
N ALA B 29 -8.42 -11.20 -28.20
CA ALA B 29 -8.31 -12.34 -27.28
C ALA B 29 -9.69 -12.86 -26.92
N ILE B 30 -10.69 -11.99 -26.89
CA ILE B 30 -12.07 -12.43 -26.68
C ILE B 30 -12.53 -13.32 -27.83
N GLU B 31 -12.40 -12.83 -29.05
CA GLU B 31 -12.81 -13.64 -30.18
C GLU B 31 -11.74 -14.65 -30.59
N HIS B 32 -10.50 -14.52 -30.12
CA HIS B 32 -9.59 -15.66 -30.21
C HIS B 32 -10.15 -16.83 -29.43
N ALA B 33 -10.55 -16.60 -28.18
CA ALA B 33 -11.26 -17.64 -27.44
C ALA B 33 -12.45 -18.17 -28.26
N LEU B 34 -13.13 -17.27 -28.97
CA LEU B 34 -14.23 -17.72 -29.83
C LEU B 34 -13.72 -18.55 -31.00
N HIS B 35 -12.49 -18.29 -31.49
CA HIS B 35 -11.87 -19.21 -32.43
C HIS B 35 -11.82 -20.61 -31.83
N LEU B 36 -11.11 -20.76 -30.72
CA LEU B 36 -10.85 -22.08 -30.15
C LEU B 36 -12.13 -22.82 -29.83
N VAL B 37 -13.18 -22.11 -29.43
CA VAL B 37 -14.46 -22.76 -29.12
C VAL B 37 -15.05 -23.38 -30.38
N GLU B 38 -15.24 -22.58 -31.42
CA GLU B 38 -15.75 -23.12 -32.68
C GLU B 38 -14.76 -24.06 -33.35
N ASP B 39 -13.49 -24.00 -32.95
CA ASP B 39 -12.51 -25.01 -33.35
C ASP B 39 -12.68 -26.32 -32.59
N GLY B 40 -13.40 -26.31 -31.47
CA GLY B 40 -13.61 -27.54 -30.71
C GLY B 40 -13.40 -27.47 -29.21
N ALA B 41 -12.95 -26.32 -28.70
CA ALA B 41 -12.63 -26.21 -27.27
C ALA B 41 -13.90 -26.18 -26.44
N ASP B 42 -13.92 -27.01 -25.40
CA ASP B 42 -15.02 -27.00 -24.44
C ASP B 42 -14.85 -25.89 -23.41
N VAL B 43 -13.62 -25.59 -23.05
CA VAL B 43 -13.33 -24.59 -22.03
C VAL B 43 -12.17 -23.72 -22.47
N ILE B 44 -12.22 -22.44 -22.11
CA ILE B 44 -11.12 -21.51 -22.32
C ILE B 44 -10.34 -21.39 -21.02
N ASP B 45 -9.02 -21.43 -21.11
CA ASP B 45 -8.13 -21.31 -19.96
C ASP B 45 -7.42 -19.96 -20.08
N LEU B 46 -8.11 -18.91 -19.63
CA LEU B 46 -7.53 -17.57 -19.58
C LEU B 46 -6.35 -17.50 -18.62
N GLY B 47 -5.37 -16.70 -19.01
CA GLY B 47 -4.21 -16.50 -18.16
C GLY B 47 -3.60 -15.14 -18.44
N ALA B 48 -3.62 -14.26 -17.43
CA ALA B 48 -3.15 -12.89 -17.61
C ALA B 48 -1.85 -12.61 -16.87
N ALA B 49 -1.20 -13.65 -16.36
CA ALA B 49 0.08 -13.49 -15.69
C ALA B 49 0.98 -14.66 -16.02
N SER B 50 2.28 -14.49 -15.75
CA SER B 50 3.23 -15.56 -15.97
C SER B 50 3.11 -16.62 -14.87
N SER B 51 3.71 -17.78 -15.13
CA SER B 51 3.79 -18.85 -14.13
C SER B 51 5.20 -19.08 -13.60
N ASN B 52 6.22 -18.46 -14.21
CA ASN B 52 7.56 -18.35 -13.66
C ASN B 52 7.91 -16.86 -13.62
N PRO B 53 7.20 -16.08 -12.80
CA PRO B 53 7.33 -14.61 -12.88
C PRO B 53 8.69 -14.15 -12.38
N ASP B 54 9.40 -13.41 -13.23
CA ASP B 54 10.66 -12.79 -12.84
C ASP B 54 10.38 -11.60 -11.91
N THR B 55 11.41 -10.80 -11.66
CA THR B 55 11.26 -9.61 -10.84
C THR B 55 10.48 -8.54 -11.58
N THR B 56 9.70 -7.75 -10.83
CA THR B 56 8.78 -6.73 -11.34
C THR B 56 7.91 -7.23 -12.49
N GLU B 57 7.47 -8.49 -12.37
CA GLU B 57 6.36 -8.98 -13.18
C GLU B 57 5.08 -8.22 -12.83
N VAL B 58 4.08 -8.33 -13.69
CA VAL B 58 2.84 -7.58 -13.51
C VAL B 58 2.14 -7.99 -12.20
N GLY B 59 1.40 -7.04 -11.61
CA GLY B 59 0.80 -7.23 -10.30
C GLY B 59 -0.65 -7.72 -10.38
N VAL B 60 -1.27 -7.78 -9.20
CA VAL B 60 -2.60 -8.40 -9.09
C VAL B 60 -3.69 -7.44 -9.55
N VAL B 61 -3.51 -6.13 -9.34
CA VAL B 61 -4.52 -5.17 -9.78
C VAL B 61 -4.59 -5.12 -11.31
N GLU B 62 -3.43 -5.13 -11.96
CA GLU B 62 -3.40 -5.12 -13.43
C GLU B 62 -3.92 -6.42 -14.01
N GLU B 63 -3.49 -7.55 -13.44
CA GLU B 63 -3.95 -8.86 -13.90
C GLU B 63 -5.47 -8.94 -13.93
N ILE B 64 -6.13 -8.33 -12.94
CA ILE B 64 -7.59 -8.40 -12.87
C ILE B 64 -8.22 -7.55 -13.98
N LYS B 65 -7.72 -6.32 -14.16
CA LYS B 65 -8.27 -5.45 -15.21
C LYS B 65 -8.08 -6.08 -16.59
N ARG B 66 -7.05 -6.90 -16.76
CA ARG B 66 -6.88 -7.63 -18.02
C ARG B 66 -7.96 -8.70 -18.18
N LEU B 67 -8.32 -9.37 -17.08
CA LEU B 67 -9.32 -10.42 -17.16
C LEU B 67 -10.75 -9.88 -17.25
N LYS B 68 -10.98 -8.69 -16.67
CA LYS B 68 -12.31 -8.10 -16.53
C LYS B 68 -13.09 -8.12 -17.84
N PRO B 69 -12.58 -7.53 -18.95
CA PRO B 69 -13.43 -7.37 -20.13
C PRO B 69 -13.58 -8.67 -20.90
N VAL B 70 -12.54 -9.51 -20.88
CA VAL B 70 -12.64 -10.83 -21.53
C VAL B 70 -13.71 -11.67 -20.87
N ILE B 71 -13.70 -11.73 -19.52
CA ILE B 71 -14.67 -12.56 -18.80
C ILE B 71 -16.08 -12.10 -19.11
N LYS B 72 -16.32 -10.79 -19.05
CA LYS B 72 -17.67 -10.26 -19.30
C LYS B 72 -18.18 -10.66 -20.68
N ALA B 73 -17.31 -10.63 -21.69
CA ALA B 73 -17.72 -10.98 -23.04
C ALA B 73 -17.95 -12.48 -23.21
N LEU B 74 -17.05 -13.29 -22.65
CA LEU B 74 -17.11 -14.73 -22.86
C LEU B 74 -18.39 -15.33 -22.31
N LYS B 75 -18.80 -14.93 -21.11
CA LYS B 75 -20.03 -15.50 -20.58
C LYS B 75 -21.26 -14.78 -21.11
N GLU B 76 -21.11 -13.59 -21.69
CA GLU B 76 -22.21 -13.00 -22.45
C GLU B 76 -22.55 -13.85 -23.66
N LYS B 77 -21.53 -14.47 -24.28
CA LYS B 77 -21.79 -15.49 -25.30
C LYS B 77 -22.16 -16.83 -24.68
N GLY B 78 -21.71 -17.10 -23.46
CA GLY B 78 -22.14 -18.27 -22.75
C GLY B 78 -21.17 -19.43 -22.84
N ILE B 79 -19.89 -19.17 -22.56
CA ILE B 79 -18.87 -20.19 -22.70
C ILE B 79 -18.28 -20.51 -21.33
N SER B 80 -17.89 -21.78 -21.17
CA SER B 80 -17.23 -22.24 -19.96
C SER B 80 -15.86 -21.59 -19.85
N ILE B 81 -15.63 -20.87 -18.76
CA ILE B 81 -14.42 -20.09 -18.56
C ILE B 81 -13.57 -20.74 -17.49
N SER B 82 -12.24 -20.66 -17.66
CA SER B 82 -11.31 -21.08 -16.64
C SER B 82 -10.19 -20.07 -16.58
N VAL B 83 -9.82 -19.65 -15.37
CA VAL B 83 -8.80 -18.61 -15.18
C VAL B 83 -7.58 -19.23 -14.54
N ASP B 84 -6.46 -19.17 -15.25
CA ASP B 84 -5.17 -19.62 -14.73
C ASP B 84 -4.61 -18.48 -13.89
N THR B 85 -4.56 -18.69 -12.58
CA THR B 85 -4.03 -17.69 -11.67
C THR B 85 -3.80 -18.33 -10.32
N PHE B 86 -2.80 -17.80 -9.61
CA PHE B 86 -2.38 -18.33 -8.33
C PHE B 86 -2.47 -17.30 -7.20
N LYS B 87 -2.61 -16.01 -7.53
CA LYS B 87 -2.80 -14.98 -6.53
C LYS B 87 -4.20 -15.04 -5.95
N PRO B 88 -4.36 -15.18 -4.64
CA PRO B 88 -5.71 -15.32 -4.07
C PRO B 88 -6.59 -14.12 -4.33
N GLU B 89 -6.02 -12.91 -4.39
CA GLU B 89 -6.80 -11.74 -4.73
C GLU B 89 -7.47 -11.91 -6.09
N VAL B 90 -6.71 -12.40 -7.07
CA VAL B 90 -7.25 -12.62 -8.40
C VAL B 90 -8.26 -13.75 -8.37
N GLN B 91 -7.89 -14.89 -7.78
CA GLN B 91 -8.85 -15.98 -7.64
C GLN B 91 -10.13 -15.51 -6.97
N SER B 92 -10.02 -14.59 -6.00
CA SER B 92 -11.20 -14.03 -5.37
C SER B 92 -12.09 -13.35 -6.38
N PHE B 93 -11.49 -12.57 -7.28
CA PHE B 93 -12.28 -11.93 -8.34
C PHE B 93 -12.92 -12.97 -9.23
N CYS B 94 -12.23 -14.08 -9.50
CA CYS B 94 -12.84 -15.15 -10.29
C CYS B 94 -13.99 -15.80 -9.53
N ILE B 95 -13.86 -15.97 -8.22
CA ILE B 95 -14.98 -16.46 -7.43
C ILE B 95 -16.19 -15.56 -7.61
N ALA B 96 -15.96 -14.25 -7.61
CA ALA B 96 -17.05 -13.29 -7.72
C ALA B 96 -17.59 -13.19 -9.14
N ALA B 97 -16.82 -13.61 -10.14
CA ALA B 97 -17.28 -13.54 -11.51
C ALA B 97 -18.06 -14.78 -11.92
N ALA B 98 -18.16 -15.78 -11.05
CA ALA B 98 -18.92 -17.00 -11.33
C ALA B 98 -18.34 -17.77 -12.52
N VAL B 99 -17.01 -17.69 -12.67
CA VAL B 99 -16.31 -18.45 -13.69
C VAL B 99 -16.47 -19.93 -13.38
N ASP B 100 -16.12 -20.79 -14.33
CA ASP B 100 -16.39 -22.22 -14.18
C ASP B 100 -15.22 -22.99 -13.58
N PHE B 101 -14.00 -22.50 -13.71
CA PHE B 101 -12.83 -23.21 -13.20
C PHE B 101 -11.81 -22.22 -12.66
N ILE B 102 -11.04 -22.67 -11.66
CA ILE B 102 -9.88 -21.95 -11.15
C ILE B 102 -8.66 -22.86 -11.30
N ASN B 103 -7.66 -22.39 -12.05
CA ASN B 103 -6.47 -23.18 -12.36
C ASN B 103 -5.30 -22.59 -11.58
N ASP B 104 -4.97 -23.22 -10.46
CA ASP B 104 -3.92 -22.75 -9.56
C ASP B 104 -2.73 -23.69 -9.65
N ILE B 105 -1.60 -23.16 -10.14
CA ILE B 105 -0.36 -23.93 -10.14
C ILE B 105 0.17 -24.15 -8.74
N GLN B 106 -0.43 -23.52 -7.72
CA GLN B 106 -0.06 -23.74 -6.33
C GLN B 106 -1.03 -24.65 -5.59
N GLY B 107 -2.12 -25.06 -6.24
CA GLY B 107 -3.01 -26.03 -5.63
C GLY B 107 -3.85 -25.48 -4.50
N PHE B 108 -4.04 -24.16 -4.44
CA PHE B 108 -4.77 -23.49 -3.38
C PHE B 108 -4.12 -23.80 -2.04
N PRO B 109 -3.04 -23.09 -1.70
CA PRO B 109 -2.37 -23.31 -0.41
C PRO B 109 -2.79 -22.34 0.71
N TYR B 110 -3.77 -21.48 0.46
CA TYR B 110 -4.19 -20.46 1.43
C TYR B 110 -5.60 -20.75 1.93
N PRO B 111 -5.78 -21.34 3.11
CA PRO B 111 -7.11 -21.74 3.56
C PRO B 111 -8.05 -20.58 3.89
N GLU B 112 -7.56 -19.34 3.87
CA GLU B 112 -8.43 -18.19 4.08
C GLU B 112 -9.56 -18.14 3.05
N ILE B 113 -9.29 -18.54 1.81
CA ILE B 113 -10.29 -18.49 0.74
C ILE B 113 -11.03 -19.81 0.56
N TYR B 114 -10.67 -20.84 1.34
CA TYR B 114 -11.35 -22.13 1.21
C TYR B 114 -12.86 -22.00 1.42
N SER B 115 -13.28 -21.09 2.30
CA SER B 115 -14.70 -20.93 2.58
C SER B 115 -15.46 -20.45 1.35
N GLY B 116 -14.94 -19.40 0.70
CA GLY B 116 -15.59 -18.91 -0.51
C GLY B 116 -15.50 -19.89 -1.67
N LEU B 117 -14.37 -20.59 -1.80
CA LEU B 117 -14.22 -21.60 -2.84
C LEU B 117 -15.30 -22.68 -2.73
N ALA B 118 -15.67 -23.04 -1.50
CA ALA B 118 -16.65 -24.10 -1.33
C ALA B 118 -18.07 -23.58 -1.55
N LYS B 119 -18.37 -22.38 -1.05
CA LYS B 119 -19.70 -21.81 -1.27
C LYS B 119 -19.92 -21.55 -2.76
N SER B 120 -18.86 -21.21 -3.49
CA SER B 120 -18.96 -21.02 -4.93
C SER B 120 -18.93 -22.37 -5.64
N ASP B 121 -19.73 -22.48 -6.69
CA ASP B 121 -19.74 -23.73 -7.45
C ASP B 121 -18.57 -23.84 -8.41
N CYS B 122 -17.50 -23.08 -8.20
CA CYS B 122 -16.36 -23.13 -9.11
C CYS B 122 -15.64 -24.48 -8.98
N LYS B 123 -15.38 -25.12 -10.11
CA LYS B 123 -14.54 -26.30 -10.11
C LYS B 123 -13.08 -25.88 -10.00
N LEU B 124 -12.27 -26.74 -9.38
CA LEU B 124 -10.90 -26.39 -9.05
C LEU B 124 -9.95 -27.29 -9.82
N VAL B 125 -9.01 -26.69 -10.55
CA VAL B 125 -7.93 -27.44 -11.17
C VAL B 125 -6.76 -27.39 -10.20
N LEU B 126 -6.57 -28.48 -9.48
CA LEU B 126 -5.55 -28.57 -8.43
C LEU B 126 -4.26 -29.04 -9.07
N MET B 127 -3.38 -28.11 -9.40
CA MET B 127 -2.14 -28.45 -10.09
C MET B 127 -1.00 -28.68 -9.10
N HIS B 128 -0.23 -29.73 -9.36
CA HIS B 128 1.00 -29.96 -8.62
C HIS B 128 2.17 -29.32 -9.35
N SER B 129 3.08 -28.70 -8.60
CA SER B 129 4.29 -28.13 -9.18
C SER B 129 5.42 -28.27 -8.18
N VAL B 130 6.53 -28.84 -8.63
CA VAL B 130 7.68 -28.98 -7.76
C VAL B 130 8.41 -27.67 -7.53
N GLN B 131 8.04 -26.61 -8.25
CA GLN B 131 8.73 -25.34 -8.14
C GLN B 131 8.02 -24.42 -7.14
N ARG B 132 8.80 -23.53 -6.52
CA ARG B 132 8.27 -22.49 -5.64
C ARG B 132 8.45 -21.16 -6.34
N ILE B 133 7.37 -20.38 -6.40
CA ILE B 133 7.42 -19.12 -7.12
C ILE B 133 8.29 -18.13 -6.37
N GLY B 134 9.12 -17.39 -7.11
CA GLY B 134 10.10 -16.51 -6.52
C GLY B 134 11.37 -17.19 -6.06
N ALA B 135 11.49 -18.50 -6.24
CA ALA B 135 12.69 -19.26 -5.90
C ALA B 135 13.43 -19.66 -7.18
N ALA B 136 14.70 -20.04 -7.00
CA ALA B 136 15.52 -20.47 -8.12
C ALA B 136 14.86 -21.64 -8.83
N THR B 137 14.97 -21.65 -10.17
CA THR B 137 14.37 -22.70 -10.99
C THR B 137 14.96 -24.06 -10.62
N LYS B 138 14.17 -24.90 -9.96
CA LYS B 138 14.68 -26.18 -9.49
C LYS B 138 14.61 -27.20 -10.62
N VAL B 139 15.64 -28.05 -10.70
CA VAL B 139 15.58 -29.24 -11.53
C VAL B 139 15.66 -30.44 -10.59
N GLU B 140 14.72 -31.36 -10.75
CA GLU B 140 14.57 -32.50 -9.85
C GLU B 140 14.99 -33.75 -10.60
N THR B 141 15.99 -34.44 -10.07
CA THR B 141 16.66 -35.51 -10.79
C THR B 141 16.07 -36.88 -10.52
N ASN B 142 15.02 -36.99 -9.71
CA ASN B 142 14.43 -38.30 -9.41
C ASN B 142 12.97 -38.31 -9.83
N PRO B 143 12.61 -39.07 -10.87
CA PRO B 143 11.19 -39.13 -11.26
C PRO B 143 10.31 -39.80 -10.21
N GLU B 144 10.77 -40.89 -9.60
CA GLU B 144 9.96 -41.58 -8.60
C GLU B 144 9.68 -40.69 -7.39
N GLU B 145 10.72 -40.01 -6.89
CA GLU B 145 10.55 -39.14 -5.72
C GLU B 145 9.63 -37.97 -6.03
N VAL B 146 9.67 -37.46 -7.27
CA VAL B 146 8.74 -36.41 -7.67
C VAL B 146 7.33 -36.97 -7.72
N PHE B 147 7.18 -38.18 -8.24
CA PHE B 147 5.85 -38.77 -8.41
C PHE B 147 5.21 -39.09 -7.07
N THR B 148 5.97 -39.71 -6.15
CA THR B 148 5.40 -40.05 -4.86
C THR B 148 5.14 -38.78 -4.03
N SER B 149 6.08 -37.84 -4.06
CA SER B 149 5.85 -36.55 -3.43
C SER B 149 4.63 -35.83 -4.00
N MET B 150 4.25 -36.14 -5.24
CA MET B 150 3.06 -35.54 -5.83
C MET B 150 1.81 -36.30 -5.41
N MET B 151 1.94 -37.63 -5.31
CA MET B 151 0.86 -38.44 -4.73
C MET B 151 0.48 -37.94 -3.35
N GLU B 152 1.47 -37.60 -2.51
CA GLU B 152 1.21 -37.16 -1.15
C GLU B 152 0.63 -35.75 -1.11
N PHE B 153 1.20 -34.83 -1.91
CA PHE B 153 0.66 -33.49 -1.98
C PHE B 153 -0.81 -33.49 -2.39
N PHE B 154 -1.20 -34.38 -3.31
CA PHE B 154 -2.59 -34.43 -3.72
C PHE B 154 -3.49 -34.93 -2.57
N LYS B 155 -3.06 -35.99 -1.88
CA LYS B 155 -3.89 -36.54 -0.81
C LYS B 155 -4.11 -35.51 0.29
N GLU B 156 -3.05 -34.82 0.70
CA GLU B 156 -3.17 -33.81 1.75
C GLU B 156 -4.01 -32.63 1.30
N ARG B 157 -3.66 -32.04 0.15
CA ARG B 157 -4.38 -30.86 -0.30
C ARG B 157 -5.85 -31.16 -0.60
N ILE B 158 -6.17 -32.40 -0.94
CA ILE B 158 -7.56 -32.76 -1.17
C ILE B 158 -8.31 -32.80 0.15
N ALA B 159 -7.79 -33.55 1.12
CA ALA B 159 -8.46 -33.64 2.43
C ALA B 159 -8.64 -32.26 3.04
N ALA B 160 -7.63 -31.41 2.93
CA ALA B 160 -7.74 -30.06 3.48
C ALA B 160 -8.85 -29.28 2.80
N LEU B 161 -9.08 -29.56 1.52
CA LEU B 161 -10.11 -28.85 0.76
C LEU B 161 -11.50 -29.38 1.08
N VAL B 162 -11.65 -30.70 1.24
CA VAL B 162 -12.96 -31.22 1.56
C VAL B 162 -13.33 -30.93 3.02
N GLU B 163 -12.32 -30.88 3.90
CA GLU B 163 -12.59 -30.50 5.29
C GLU B 163 -13.13 -29.07 5.35
N ALA B 164 -12.68 -28.20 4.45
CA ALA B 164 -13.24 -26.85 4.43
C ALA B 164 -14.63 -26.82 3.83
N GLY B 165 -15.08 -27.92 3.23
CA GLY B 165 -16.41 -28.01 2.66
C GLY B 165 -16.47 -28.03 1.16
N VAL B 166 -15.32 -28.03 0.46
CA VAL B 166 -15.29 -28.12 -0.99
C VAL B 166 -15.68 -29.53 -1.41
N LYS B 167 -16.76 -29.65 -2.19
CA LYS B 167 -17.18 -30.94 -2.70
C LYS B 167 -16.08 -31.57 -3.54
N ARG B 168 -15.68 -32.81 -3.17
CA ARG B 168 -14.50 -33.41 -3.80
C ARG B 168 -14.68 -33.61 -5.29
N GLU B 169 -15.91 -33.88 -5.75
CA GLU B 169 -16.16 -34.11 -7.17
C GLU B 169 -15.92 -32.88 -8.02
N ARG B 170 -15.68 -31.72 -7.40
CA ARG B 170 -15.36 -30.50 -8.12
C ARG B 170 -13.87 -30.31 -8.33
N ILE B 171 -13.04 -31.26 -7.90
CA ILE B 171 -11.59 -31.15 -7.98
C ILE B 171 -11.10 -31.85 -9.24
N ILE B 172 -10.20 -31.19 -9.96
CA ILE B 172 -9.51 -31.77 -11.09
C ILE B 172 -8.01 -31.75 -10.78
N LEU B 173 -7.37 -32.90 -10.89
CA LEU B 173 -5.96 -33.03 -10.51
C LEU B 173 -5.07 -32.88 -11.74
N ASP B 174 -4.24 -31.84 -11.74
CA ASP B 174 -3.24 -31.64 -12.77
C ASP B 174 -1.88 -32.01 -12.21
N PRO B 175 -1.27 -33.12 -12.64
CA PRO B 175 0.03 -33.49 -12.08
C PRO B 175 1.16 -32.54 -12.46
N GLY B 176 1.03 -31.78 -13.54
CA GLY B 176 2.10 -30.93 -14.01
C GLY B 176 2.90 -31.58 -15.14
N MET B 177 3.55 -30.73 -15.94
CA MET B 177 4.35 -31.21 -17.06
C MET B 177 5.60 -30.36 -17.20
N GLY B 178 6.66 -30.99 -17.69
CA GLY B 178 7.86 -30.27 -18.05
C GLY B 178 8.45 -29.48 -16.90
N PHE B 179 8.24 -28.16 -16.92
CA PHE B 179 8.84 -27.30 -15.91
C PHE B 179 8.27 -27.59 -14.52
N PHE B 180 6.96 -27.75 -14.44
CA PHE B 180 6.31 -28.01 -13.17
C PHE B 180 6.77 -29.31 -12.51
N LEU B 181 7.43 -30.20 -13.25
CA LEU B 181 7.98 -31.41 -12.66
C LEU B 181 9.48 -31.34 -12.47
N GLY B 182 10.08 -30.15 -12.59
CA GLY B 182 11.53 -30.06 -12.67
C GLY B 182 11.99 -30.38 -14.07
N SER B 183 12.99 -29.67 -14.57
CA SER B 183 13.30 -29.75 -15.99
C SER B 183 13.94 -31.09 -16.39
N ASN B 184 13.45 -32.19 -15.86
CA ASN B 184 13.87 -33.52 -16.29
C ASN B 184 12.85 -34.08 -17.26
N PRO B 185 13.26 -34.50 -18.46
CA PRO B 185 12.30 -35.11 -19.38
C PRO B 185 11.72 -36.40 -18.84
N GLU B 186 12.50 -37.17 -18.06
CA GLU B 186 12.02 -38.47 -17.61
C GLU B 186 10.85 -38.34 -16.66
N THR B 187 10.81 -37.28 -15.85
CA THR B 187 9.66 -37.05 -14.98
C THR B 187 8.39 -36.89 -15.80
N SER B 188 8.43 -36.05 -16.84
CA SER B 188 7.22 -35.84 -17.64
C SER B 188 6.83 -37.09 -18.40
N ILE B 189 7.80 -37.86 -18.87
CA ILE B 189 7.53 -39.16 -19.45
C ILE B 189 6.86 -40.07 -18.43
N LEU B 190 7.38 -40.10 -17.20
CA LEU B 190 6.82 -40.96 -16.18
C LEU B 190 5.38 -40.59 -15.88
N VAL B 191 5.12 -39.30 -15.67
CA VAL B 191 3.76 -38.86 -15.39
C VAL B 191 2.84 -39.18 -16.55
N LEU B 192 3.30 -38.96 -17.79
CA LEU B 192 2.50 -39.31 -18.96
C LEU B 192 2.18 -40.80 -18.96
N LYS B 193 3.17 -41.64 -18.68
CA LYS B 193 2.96 -43.07 -18.70
C LYS B 193 2.15 -43.58 -17.52
N ARG B 194 2.05 -42.79 -16.44
CA ARG B 194 1.52 -43.30 -15.19
C ARG B 194 0.32 -42.52 -14.65
N PHE B 195 -0.11 -41.46 -15.32
CA PHE B 195 -1.16 -40.62 -14.75
C PHE B 195 -2.49 -41.34 -14.50
N PRO B 196 -2.82 -42.45 -15.18
CA PRO B 196 -4.01 -43.21 -14.76
C PRO B 196 -3.99 -43.64 -13.30
N GLU B 197 -2.80 -43.80 -12.69
CA GLU B 197 -2.73 -44.15 -11.28
C GLU B 197 -3.30 -43.04 -10.41
N ILE B 198 -3.15 -41.78 -10.85
CA ILE B 198 -3.76 -40.67 -10.13
C ILE B 198 -5.28 -40.80 -10.14
N GLN B 199 -5.85 -41.15 -11.30
CA GLN B 199 -7.29 -41.34 -11.38
C GLN B 199 -7.74 -42.49 -10.48
N GLU B 200 -6.93 -43.55 -10.39
CA GLU B 200 -7.33 -44.69 -9.58
C GLU B 200 -7.25 -44.38 -8.09
N ALA B 201 -6.24 -43.62 -7.68
CA ALA B 201 -6.00 -43.38 -6.27
C ALA B 201 -6.99 -42.40 -5.65
N PHE B 202 -7.49 -41.44 -6.44
CA PHE B 202 -8.35 -40.39 -5.90
C PHE B 202 -9.74 -40.35 -6.51
N ASN B 203 -10.03 -41.18 -7.51
CA ASN B 203 -11.32 -41.17 -8.19
C ASN B 203 -11.72 -39.77 -8.64
N LEU B 204 -10.80 -39.09 -9.31
CA LEU B 204 -11.05 -37.76 -9.81
C LEU B 204 -10.49 -37.63 -11.23
N GLN B 205 -10.92 -36.59 -11.93
CA GLN B 205 -10.44 -36.35 -13.27
C GLN B 205 -9.01 -35.81 -13.23
N VAL B 206 -8.23 -36.18 -14.24
CA VAL B 206 -6.85 -35.74 -14.36
C VAL B 206 -6.71 -34.91 -15.62
N MET B 207 -5.96 -33.81 -15.52
CA MET B 207 -5.71 -32.94 -16.66
C MET B 207 -4.25 -33.05 -17.08
N ILE B 208 -4.03 -33.31 -18.37
CA ILE B 208 -2.70 -33.34 -18.96
C ILE B 208 -2.53 -32.09 -19.80
N ALA B 209 -1.47 -31.31 -19.53
CA ALA B 209 -1.19 -30.07 -20.23
C ALA B 209 0.22 -30.17 -20.81
N VAL B 210 0.33 -30.75 -21.99
CA VAL B 210 1.62 -31.10 -22.56
C VAL B 210 2.04 -30.20 -23.71
N SER B 211 1.13 -29.36 -24.22
CA SER B 211 1.37 -28.61 -25.45
C SER B 211 2.60 -27.71 -25.35
N ARG B 212 3.56 -27.91 -26.24
CA ARG B 212 4.69 -27.01 -26.47
C ARG B 212 5.72 -27.02 -25.35
N LYS B 213 5.66 -28.02 -24.46
CA LYS B 213 6.62 -28.09 -23.38
C LYS B 213 8.00 -28.47 -23.91
N SER B 214 9.04 -27.86 -23.34
CA SER B 214 10.39 -28.05 -23.84
C SER B 214 10.85 -29.50 -23.74
N PHE B 215 10.27 -30.27 -22.82
CA PHE B 215 10.69 -31.66 -22.66
C PHE B 215 10.39 -32.49 -23.89
N LEU B 216 9.44 -32.05 -24.73
CA LEU B 216 9.18 -32.73 -25.99
C LEU B 216 10.38 -32.65 -26.91
N GLY B 217 11.05 -31.49 -26.96
CA GLY B 217 12.20 -31.35 -27.83
C GLY B 217 13.44 -32.06 -27.36
N LYS B 218 13.52 -32.38 -26.07
CA LYS B 218 14.71 -33.04 -25.56
C LYS B 218 14.76 -34.50 -25.99
N ILE B 219 13.60 -35.08 -26.30
CA ILE B 219 13.53 -36.43 -26.82
C ILE B 219 13.24 -36.44 -28.31
N THR B 220 12.86 -35.31 -28.88
CA THR B 220 12.61 -35.18 -30.32
C THR B 220 13.87 -34.70 -31.06
N GLY B 221 14.61 -33.77 -30.46
CA GLY B 221 15.77 -33.19 -31.09
C GLY B 221 15.48 -31.96 -31.92
N THR B 222 14.21 -31.52 -31.98
CA THR B 222 13.82 -30.40 -32.83
C THR B 222 13.07 -29.36 -32.02
N ASP B 223 12.42 -28.41 -32.69
CA ASP B 223 11.72 -27.33 -32.04
C ASP B 223 10.28 -27.73 -31.77
N VAL B 224 9.81 -27.47 -30.56
CA VAL B 224 8.42 -27.76 -30.18
C VAL B 224 7.62 -26.51 -29.88
N LYS B 225 8.26 -25.36 -29.69
CA LYS B 225 7.54 -24.14 -29.35
C LYS B 225 6.78 -23.59 -30.56
N SER B 226 7.37 -23.68 -31.75
CA SER B 226 6.69 -23.23 -32.96
C SER B 226 6.01 -24.38 -33.72
N ARG B 227 6.49 -25.61 -33.54
CA ARG B 227 6.02 -26.76 -34.29
C ARG B 227 4.95 -27.52 -33.52
N LEU B 228 4.13 -28.25 -34.27
CA LEU B 228 2.94 -28.92 -33.75
C LEU B 228 3.09 -30.42 -33.59
N ALA B 229 3.86 -31.08 -34.45
CA ALA B 229 3.95 -32.54 -34.40
C ALA B 229 4.32 -33.07 -33.02
N PRO B 230 5.41 -32.62 -32.38
CA PRO B 230 5.76 -33.23 -31.08
C PRO B 230 4.70 -32.97 -30.02
N THR B 231 4.10 -31.78 -29.99
CA THR B 231 2.95 -31.56 -29.10
C THR B 231 1.84 -32.56 -29.41
N LEU B 232 1.44 -32.64 -30.68
CA LEU B 232 0.28 -33.45 -31.07
C LEU B 232 0.50 -34.94 -30.84
N ALA B 233 1.73 -35.41 -31.05
CA ALA B 233 2.04 -36.80 -30.78
C ALA B 233 1.78 -37.16 -29.32
N ALA B 234 2.25 -36.32 -28.38
CA ALA B 234 2.08 -36.66 -26.97
C ALA B 234 0.64 -36.50 -26.52
N GLU B 235 -0.11 -35.57 -27.10
CA GLU B 235 -1.47 -35.30 -26.63
C GLU B 235 -2.36 -36.53 -26.80
N MET B 236 -2.36 -37.14 -27.99
CA MET B 236 -3.25 -38.28 -28.17
C MET B 236 -2.69 -39.56 -27.56
N TYR B 237 -1.44 -39.58 -27.10
CA TYR B 237 -1.07 -40.64 -26.18
C TYR B 237 -1.87 -40.48 -24.88
N ALA B 238 -1.93 -39.26 -24.35
CA ALA B 238 -2.72 -38.99 -23.15
C ALA B 238 -4.19 -39.35 -23.36
N TYR B 239 -4.77 -38.92 -24.48
CA TYR B 239 -6.13 -39.32 -24.83
C TYR B 239 -6.26 -40.83 -24.74
N LYS B 240 -5.39 -41.57 -25.44
CA LYS B 240 -5.53 -43.02 -25.48
C LYS B 240 -5.42 -43.64 -24.10
N LYS B 241 -4.66 -43.03 -23.20
CA LYS B 241 -4.47 -43.60 -21.87
C LYS B 241 -5.51 -43.12 -20.87
N GLY B 242 -6.44 -42.28 -21.27
CA GLY B 242 -7.59 -41.95 -20.46
C GLY B 242 -7.64 -40.53 -19.91
N ALA B 243 -6.93 -39.59 -20.51
CA ALA B 243 -6.95 -38.22 -20.00
C ALA B 243 -8.36 -37.67 -20.00
N ASP B 244 -8.73 -37.00 -18.91
CA ASP B 244 -10.05 -36.39 -18.81
C ASP B 244 -10.09 -35.03 -19.50
N TYR B 245 -9.03 -34.25 -19.34
CA TYR B 245 -8.94 -32.92 -19.93
C TYR B 245 -7.57 -32.76 -20.57
N LEU B 246 -7.54 -32.03 -21.69
CA LEU B 246 -6.30 -31.75 -22.39
C LEU B 246 -6.21 -30.25 -22.61
N ARG B 247 -5.15 -29.65 -22.08
CA ARG B 247 -4.93 -28.22 -22.19
C ARG B 247 -3.95 -27.98 -23.33
N THR B 248 -4.38 -27.24 -24.36
CA THR B 248 -3.59 -27.16 -25.58
C THR B 248 -3.69 -25.78 -26.22
N HIS B 249 -2.68 -25.48 -27.04
CA HIS B 249 -2.68 -24.24 -27.81
C HIS B 249 -3.41 -24.41 -29.14
N ASP B 250 -3.19 -25.53 -29.83
CA ASP B 250 -3.73 -25.77 -31.17
C ASP B 250 -4.97 -26.65 -31.06
N VAL B 251 -6.12 -26.00 -30.86
CA VAL B 251 -7.35 -26.75 -30.60
C VAL B 251 -7.83 -27.44 -31.86
N LYS B 252 -7.76 -26.75 -33.01
CA LYS B 252 -8.21 -27.35 -34.27
C LYS B 252 -7.39 -28.59 -34.61
N SER B 253 -6.06 -28.52 -34.44
CA SER B 253 -5.22 -29.68 -34.71
C SER B 253 -5.54 -30.82 -33.75
N LEU B 254 -5.77 -30.51 -32.48
CA LEU B 254 -6.15 -31.55 -31.54
C LEU B 254 -7.52 -32.12 -31.86
N SER B 255 -8.49 -31.24 -32.15
CA SER B 255 -9.87 -31.67 -32.29
C SER B 255 -10.02 -32.70 -33.41
N ASP B 256 -9.36 -32.46 -34.53
CA ASP B 256 -9.53 -33.40 -35.63
C ASP B 256 -8.50 -34.52 -35.65
N ALA B 257 -7.37 -34.34 -34.96
CA ALA B 257 -6.58 -35.53 -34.64
C ALA B 257 -7.40 -36.49 -33.79
N LEU B 258 -8.26 -35.93 -32.93
CA LEU B 258 -9.18 -36.74 -32.14
C LEU B 258 -10.31 -37.30 -32.99
N LYS B 259 -10.80 -36.53 -33.97
CA LYS B 259 -11.93 -36.97 -34.77
C LYS B 259 -11.58 -38.16 -35.65
N ILE B 260 -10.32 -38.27 -36.08
CA ILE B 260 -9.97 -39.42 -36.90
C ILE B 260 -9.62 -40.62 -36.01
N SER B 261 -9.12 -40.39 -34.80
CA SER B 261 -8.82 -41.51 -33.91
C SER B 261 -10.10 -42.22 -33.50
N LYS B 262 -11.16 -41.45 -33.23
CA LYS B 262 -12.45 -42.07 -32.94
C LYS B 262 -12.99 -42.81 -34.16
N ALA B 263 -12.86 -42.22 -35.35
CA ALA B 263 -13.38 -42.87 -36.56
C ALA B 263 -12.57 -44.09 -36.95
N LEU B 264 -11.31 -44.17 -36.54
CA LEU B 264 -10.45 -45.30 -36.83
C LEU B 264 -10.51 -46.39 -35.76
N GLY B 265 -11.14 -46.12 -34.62
CA GLY B 265 -11.19 -47.06 -33.52
C GLY B 265 -9.86 -47.23 -32.80
N GLY C 2 15.39 33.18 36.88
CA GLY C 2 15.48 31.80 36.47
C GLY C 2 14.12 31.11 36.43
N MET C 3 13.41 31.29 35.33
CA MET C 3 12.07 30.76 35.19
C MET C 3 11.96 29.96 33.90
N SER C 4 11.27 28.82 33.97
CA SER C 4 11.00 28.00 32.81
C SER C 4 9.67 28.37 32.19
N LYS C 5 9.62 28.39 30.87
CA LYS C 5 8.40 28.70 30.13
C LYS C 5 7.69 27.41 29.75
N ILE C 6 6.39 27.38 29.96
CA ILE C 6 5.58 26.20 29.70
C ILE C 6 5.09 26.23 28.27
N PHE C 7 5.16 25.08 27.62
CA PHE C 7 4.53 24.85 26.33
C PHE C 7 3.25 24.06 26.56
N GLY C 8 2.12 24.67 26.19
CA GLY C 8 0.84 23.99 26.31
C GLY C 8 0.52 23.21 25.04
N ILE C 9 0.07 21.97 25.21
CA ILE C 9 -0.18 21.05 24.12
C ILE C 9 -1.66 21.12 23.74
N VAL C 10 -1.94 21.57 22.52
CA VAL C 10 -3.30 21.59 21.98
C VAL C 10 -3.33 20.76 20.71
N ASN C 11 -4.19 19.75 20.68
CA ASN C 11 -4.31 18.86 19.55
C ASN C 11 -5.61 19.18 18.81
N ILE C 12 -5.49 19.47 17.51
CA ILE C 12 -6.63 19.68 16.64
C ILE C 12 -7.01 18.34 16.00
N THR C 13 -8.23 17.88 16.24
CA THR C 13 -8.69 16.60 15.74
C THR C 13 -9.95 16.79 14.90
N THR C 14 -10.01 16.09 13.77
CA THR C 14 -11.22 16.09 12.94
C THR C 14 -11.38 14.71 12.32
N ASP C 15 -12.63 14.33 12.08
CA ASP C 15 -12.95 13.03 11.51
C ASP C 15 -12.55 13.01 10.03
N SER C 16 -12.89 11.92 9.34
CA SER C 16 -12.48 11.71 7.96
C SER C 16 -13.51 12.17 6.93
N PHE C 17 -14.62 12.78 7.36
CA PHE C 17 -15.67 13.22 6.45
C PHE C 17 -15.55 14.70 6.15
N SER C 18 -15.98 15.08 4.95
CA SER C 18 -15.58 16.33 4.32
C SER C 18 -16.32 17.52 4.91
N ASP C 19 -15.74 18.09 5.97
CA ASP C 19 -16.04 19.44 6.46
C ASP C 19 -17.53 19.55 6.79
N GLY C 20 -18.20 20.62 6.39
CA GLY C 20 -19.44 21.03 7.03
C GLY C 20 -19.11 21.59 8.41
N GLY C 21 -18.75 20.71 9.33
CA GLY C 21 -18.45 21.12 10.69
C GLY C 21 -16.99 20.99 11.06
N LEU C 22 -16.12 21.67 10.32
CA LEU C 22 -14.73 21.78 10.77
C LEU C 22 -14.61 22.81 11.88
N TYR C 23 -15.51 23.80 11.89
CA TYR C 23 -15.39 24.89 12.86
C TYR C 23 -15.50 24.35 14.29
N LEU C 24 -16.50 23.49 14.53
CA LEU C 24 -16.69 22.96 15.87
C LEU C 24 -15.67 21.88 16.24
N ASP C 25 -14.51 21.89 15.59
CA ASP C 25 -13.34 21.16 16.02
C ASP C 25 -12.13 22.08 16.19
N THR C 26 -11.98 23.06 15.31
CA THR C 26 -10.99 24.11 15.55
C THR C 26 -11.45 25.05 16.65
N ASP C 27 -12.78 25.21 16.82
CA ASP C 27 -13.28 26.12 17.84
C ASP C 27 -12.98 25.57 19.24
N LYS C 28 -13.08 24.25 19.43
CA LYS C 28 -12.72 23.69 20.72
C LYS C 28 -11.21 23.77 20.93
N ALA C 29 -10.41 23.52 19.88
CA ALA C 29 -8.97 23.66 20.00
C ALA C 29 -8.59 25.07 20.43
N ILE C 30 -9.35 26.08 20.00
CA ILE C 30 -9.12 27.44 20.47
C ILE C 30 -9.55 27.60 21.92
N GLU C 31 -10.74 27.08 22.24
CA GLU C 31 -11.20 27.09 23.62
C GLU C 31 -10.22 26.35 24.53
N HIS C 32 -9.64 25.26 24.03
CA HIS C 32 -8.62 24.54 24.77
C HIS C 32 -7.37 25.38 24.97
N ALA C 33 -6.93 26.07 23.92
CA ALA C 33 -5.72 26.88 24.01
C ALA C 33 -5.92 28.08 24.93
N LEU C 34 -7.13 28.66 24.92
CA LEU C 34 -7.42 29.78 25.82
C LEU C 34 -7.41 29.32 27.26
N HIS C 35 -8.08 28.20 27.55
CA HIS C 35 -8.05 27.63 28.89
C HIS C 35 -6.61 27.35 29.32
N LEU C 36 -5.75 26.97 28.38
CA LEU C 36 -4.37 26.66 28.75
C LEU C 36 -3.61 27.93 29.10
N VAL C 37 -3.91 29.03 28.40
CA VAL C 37 -3.26 30.29 28.73
C VAL C 37 -3.67 30.73 30.13
N GLU C 38 -4.95 30.62 30.47
CA GLU C 38 -5.41 30.96 31.82
C GLU C 38 -4.77 30.06 32.87
N ASP C 39 -4.40 28.84 32.50
CA ASP C 39 -3.70 27.93 33.42
C ASP C 39 -2.21 28.24 33.52
N GLY C 40 -1.71 29.25 32.82
CA GLY C 40 -0.30 29.60 32.90
C GLY C 40 0.59 29.11 31.77
N ALA C 41 0.09 29.12 30.53
CA ALA C 41 0.87 28.67 29.39
C ALA C 41 1.54 29.87 28.73
N ASP C 42 2.87 29.84 28.60
CA ASP C 42 3.56 30.91 27.91
C ASP C 42 3.42 30.79 26.40
N VAL C 43 3.41 29.55 25.91
CA VAL C 43 3.32 29.26 24.49
C VAL C 43 2.36 28.08 24.31
N ILE C 44 1.50 28.18 23.31
CA ILE C 44 0.64 27.09 22.89
C ILE C 44 1.36 26.29 21.80
N ASP C 45 1.44 24.97 21.98
CA ASP C 45 2.07 24.07 21.01
C ASP C 45 0.97 23.38 20.21
N LEU C 46 0.78 23.81 18.97
CA LEU C 46 -0.32 23.33 18.14
C LEU C 46 0.06 22.02 17.46
N GLY C 47 -0.82 21.03 17.57
CA GLY C 47 -0.62 19.76 16.89
C GLY C 47 -1.76 19.44 15.95
N ALA C 48 -1.44 19.11 14.70
CA ALA C 48 -2.48 18.83 13.72
C ALA C 48 -2.12 17.60 12.90
N ALA C 49 -1.70 16.53 13.58
CA ALA C 49 -1.41 15.28 12.90
C ALA C 49 -2.68 14.72 12.27
N SER C 50 -2.49 13.90 11.24
CA SER C 50 -3.60 13.35 10.48
C SER C 50 -4.10 12.07 11.14
N SER C 51 -5.16 11.49 10.56
CA SER C 51 -5.70 10.22 11.04
C SER C 51 -4.66 9.10 10.92
N ASN C 52 -4.11 8.92 9.71
CA ASN C 52 -2.99 8.01 9.47
C ASN C 52 -1.69 8.83 9.43
N PRO C 53 -0.91 8.90 10.53
CA PRO C 53 0.29 9.75 10.52
C PRO C 53 1.36 9.30 9.52
N ASP C 54 1.11 9.55 8.24
CA ASP C 54 2.09 9.33 7.17
C ASP C 54 1.93 10.44 6.14
N THR C 55 3.05 10.93 5.63
CA THR C 55 3.05 12.10 4.75
C THR C 55 2.38 11.78 3.42
N THR C 56 1.59 12.74 2.93
CA THR C 56 0.94 12.65 1.62
C THR C 56 0.61 14.06 1.16
N GLU C 57 0.44 14.20 -0.16
CA GLU C 57 0.16 15.52 -0.73
C GLU C 57 -1.24 16.02 -0.38
N VAL C 58 -2.17 15.10 -0.12
CA VAL C 58 -3.49 15.52 0.33
C VAL C 58 -3.53 15.75 1.84
N GLY C 59 -2.76 14.98 2.61
CA GLY C 59 -2.76 15.16 4.05
C GLY C 59 -2.17 16.50 4.49
N VAL C 60 -1.24 17.04 3.70
CA VAL C 60 -0.63 18.32 4.03
C VAL C 60 -1.68 19.43 3.94
N VAL C 61 -2.45 19.46 2.86
CA VAL C 61 -3.40 20.55 2.64
C VAL C 61 -4.52 20.54 3.68
N GLU C 62 -4.79 19.39 4.31
CA GLU C 62 -5.77 19.31 5.39
C GLU C 62 -5.16 19.66 6.74
N GLU C 63 -3.91 19.26 6.97
CA GLU C 63 -3.21 19.71 8.17
C GLU C 63 -3.09 21.22 8.18
N ILE C 64 -2.77 21.83 7.04
CA ILE C 64 -2.78 23.28 6.95
C ILE C 64 -4.20 23.82 7.14
N LYS C 65 -5.19 23.09 6.63
CA LYS C 65 -6.58 23.54 6.70
C LYS C 65 -7.05 23.67 8.14
N ARG C 66 -6.57 22.79 9.03
CA ARG C 66 -6.96 22.84 10.43
C ARG C 66 -6.06 23.76 11.25
N LEU C 67 -4.78 23.91 10.87
CA LEU C 67 -3.92 24.85 11.56
C LEU C 67 -4.33 26.30 11.28
N LYS C 68 -4.88 26.57 10.09
CA LYS C 68 -5.14 27.96 9.69
C LYS C 68 -6.04 28.70 10.66
N PRO C 69 -7.26 28.24 10.96
CA PRO C 69 -8.16 29.09 11.75
C PRO C 69 -7.73 29.20 13.20
N VAL C 70 -7.07 28.16 13.73
CA VAL C 70 -6.60 28.22 15.11
C VAL C 70 -5.43 29.18 15.23
N ILE C 71 -4.44 29.06 14.34
CA ILE C 71 -3.33 30.02 14.32
C ILE C 71 -3.87 31.44 14.20
N LYS C 72 -4.82 31.65 13.28
CA LYS C 72 -5.32 33.00 13.07
C LYS C 72 -6.05 33.51 14.31
N ALA C 73 -6.89 32.67 14.92
CA ALA C 73 -7.64 33.13 16.10
C ALA C 73 -6.71 33.40 17.28
N LEU C 74 -5.63 32.64 17.41
CA LEU C 74 -4.77 32.78 18.58
C LEU C 74 -3.91 34.02 18.51
N LYS C 75 -3.17 34.23 17.43
CA LYS C 75 -2.39 35.45 17.40
C LYS C 75 -3.23 36.67 17.06
N GLU C 76 -4.55 36.51 16.88
CA GLU C 76 -5.45 37.64 17.04
C GLU C 76 -5.55 38.03 18.52
N LYS C 77 -5.64 37.03 19.40
CA LYS C 77 -5.61 37.27 20.83
C LYS C 77 -4.20 37.57 21.35
N GLY C 78 -3.19 37.54 20.49
CA GLY C 78 -1.85 37.87 20.91
C GLY C 78 -1.11 36.78 21.65
N ILE C 79 -1.49 35.51 21.45
CA ILE C 79 -0.86 34.36 22.09
C ILE C 79 0.31 33.87 21.24
N SER C 80 1.41 33.54 21.91
CA SER C 80 2.57 32.96 21.24
C SER C 80 2.23 31.56 20.76
N ILE C 81 2.66 31.24 19.53
CA ILE C 81 2.25 30.01 18.87
C ILE C 81 3.48 29.19 18.51
N SER C 82 3.45 27.91 18.85
CA SER C 82 4.39 26.92 18.34
C SER C 82 3.61 25.86 17.59
N VAL C 83 4.10 25.48 16.41
CA VAL C 83 3.44 24.44 15.61
C VAL C 83 4.31 23.20 15.59
N ASP C 84 3.72 22.08 16.02
CA ASP C 84 4.39 20.78 15.96
C ASP C 84 4.07 20.17 14.59
N THR C 85 5.07 20.19 13.70
CA THR C 85 4.88 19.59 12.38
C THR C 85 6.24 19.28 11.78
N PHE C 86 6.28 18.19 10.99
CA PHE C 86 7.52 17.73 10.38
C PHE C 86 7.48 17.78 8.85
N LYS C 87 6.32 18.07 8.26
CA LYS C 87 6.18 18.17 6.82
C LYS C 87 6.67 19.52 6.32
N PRO C 88 7.61 19.56 5.38
CA PRO C 88 8.18 20.85 4.95
C PRO C 88 7.15 21.83 4.42
N GLU C 89 6.15 21.37 3.65
CA GLU C 89 5.14 22.28 3.14
CA GLU C 89 5.15 22.30 3.14
C GLU C 89 4.34 22.91 4.28
N VAL C 90 4.09 22.13 5.34
CA VAL C 90 3.40 22.66 6.51
C VAL C 90 4.30 23.64 7.25
N GLN C 91 5.58 23.31 7.39
CA GLN C 91 6.54 24.22 7.98
C GLN C 91 6.61 25.53 7.19
N SER C 92 6.55 25.45 5.87
CA SER C 92 6.60 26.66 5.05
C SER C 92 5.41 27.56 5.33
N PHE C 93 4.22 26.97 5.42
CA PHE C 93 3.05 27.77 5.78
C PHE C 93 3.22 28.42 7.14
N CYS C 94 3.86 27.72 8.09
CA CYS C 94 4.19 28.31 9.38
C CYS C 94 5.14 29.49 9.22
N ILE C 95 6.14 29.37 8.36
CA ILE C 95 7.06 30.48 8.13
C ILE C 95 6.29 31.71 7.67
N ALA C 96 5.34 31.51 6.76
CA ALA C 96 4.52 32.62 6.29
C ALA C 96 3.54 33.07 7.35
N ALA C 97 3.02 32.14 8.16
CA ALA C 97 2.17 32.51 9.28
C ALA C 97 2.94 33.22 10.39
N ALA C 98 4.27 33.18 10.38
CA ALA C 98 5.10 33.82 11.40
C ALA C 98 4.76 33.33 12.81
N VAL C 99 4.60 32.02 12.94
CA VAL C 99 4.44 31.45 14.28
C VAL C 99 5.74 31.62 15.05
N ASP C 100 5.64 31.60 16.38
CA ASP C 100 6.81 31.88 17.20
C ASP C 100 7.76 30.70 17.29
N PHE C 101 7.29 29.47 17.09
CA PHE C 101 8.16 28.30 17.11
C PHE C 101 7.70 27.29 16.09
N ILE C 102 8.66 26.58 15.49
CA ILE C 102 8.39 25.41 14.67
C ILE C 102 9.03 24.22 15.37
N ASN C 103 8.21 23.27 15.78
CA ASN C 103 8.66 22.11 16.54
C ASN C 103 8.62 20.91 15.61
N ASP C 104 9.79 20.51 15.15
CA ASP C 104 9.95 19.43 14.19
C ASP C 104 10.55 18.23 14.91
N ILE C 105 9.78 17.14 15.00
CA ILE C 105 10.32 15.91 15.59
C ILE C 105 11.44 15.32 14.75
N GLN C 106 11.48 15.59 13.44
CA GLN C 106 12.52 15.02 12.59
C GLN C 106 13.81 15.82 12.63
N GLY C 107 13.82 16.98 13.27
CA GLY C 107 15.04 17.75 13.43
C GLY C 107 15.49 18.50 12.20
N PHE C 108 14.57 18.88 11.33
CA PHE C 108 14.87 19.58 10.08
C PHE C 108 15.91 18.86 9.24
N PRO C 109 15.62 17.64 8.77
CA PRO C 109 16.61 16.85 8.03
C PRO C 109 16.64 17.13 6.53
N TYR C 110 15.91 18.13 6.08
CA TYR C 110 15.79 18.46 4.67
C TYR C 110 16.46 19.80 4.41
N PRO C 111 17.69 19.82 3.87
CA PRO C 111 18.34 21.11 3.57
C PRO C 111 17.70 21.87 2.43
N GLU C 112 16.69 21.33 1.77
CA GLU C 112 15.99 22.08 0.74
C GLU C 112 15.16 23.21 1.36
N ILE C 113 14.65 23.00 2.57
CA ILE C 113 13.85 24.02 3.25
C ILE C 113 14.70 25.02 4.03
N TYR C 114 16.01 24.79 4.15
CA TYR C 114 16.82 25.61 5.03
C TYR C 114 16.82 27.08 4.60
N SER C 115 16.70 27.34 3.30
CA SER C 115 16.66 28.73 2.83
C SER C 115 15.46 29.46 3.42
N GLY C 116 14.26 28.87 3.30
CA GLY C 116 13.07 29.52 3.81
C GLY C 116 13.06 29.65 5.32
N LEU C 117 13.67 28.70 6.03
CA LEU C 117 13.79 28.86 7.47
C LEU C 117 14.63 30.08 7.82
N ALA C 118 15.61 30.40 7.00
CA ALA C 118 16.47 31.54 7.29
C ALA C 118 15.72 32.85 7.16
N LYS C 119 14.94 33.02 6.09
CA LYS C 119 14.22 34.26 5.83
C LYS C 119 13.04 34.48 6.78
N SER C 120 13.21 34.17 8.06
CA SER C 120 12.13 34.30 9.02
C SER C 120 12.71 34.60 10.40
N ASP C 121 11.82 34.82 11.35
CA ASP C 121 12.22 35.02 12.74
C ASP C 121 11.66 33.94 13.67
N CYS C 122 10.97 32.92 13.11
CA CYS C 122 10.49 31.82 13.93
C CYS C 122 11.65 31.11 14.61
N LYS C 123 11.48 30.76 15.87
CA LYS C 123 12.42 29.90 16.56
C LYS C 123 12.23 28.46 16.09
N LEU C 124 13.34 27.73 15.99
CA LEU C 124 13.35 26.36 15.51
C LEU C 124 13.64 25.44 16.69
N VAL C 125 12.63 24.67 17.10
CA VAL C 125 12.88 23.67 18.13
C VAL C 125 13.57 22.49 17.46
N LEU C 126 14.89 22.58 17.35
CA LEU C 126 15.70 21.51 16.81
C LEU C 126 15.67 20.33 17.77
N MET C 127 14.97 19.28 17.38
CA MET C 127 14.77 18.11 18.21
C MET C 127 15.69 16.97 17.81
N HIS C 128 16.21 16.24 18.81
CA HIS C 128 16.97 15.03 18.55
C HIS C 128 16.13 13.78 18.74
N SER C 129 16.44 12.75 17.97
CA SER C 129 15.84 11.43 18.09
C SER C 129 16.90 10.39 17.78
N VAL C 130 16.82 9.24 18.47
CA VAL C 130 17.80 8.19 18.22
C VAL C 130 17.61 7.58 16.83
N GLN C 131 16.42 7.71 16.25
CA GLN C 131 16.09 7.19 14.93
C GLN C 131 15.71 8.40 14.07
N ARG C 132 16.72 9.04 13.49
CA ARG C 132 16.49 10.29 12.77
C ARG C 132 16.65 10.08 11.27
N ILE C 133 16.02 10.97 10.51
CA ILE C 133 15.98 10.89 9.06
C ILE C 133 17.29 11.44 8.49
N GLY C 134 17.80 10.78 7.45
CA GLY C 134 18.95 11.29 6.72
C GLY C 134 20.29 11.05 7.36
N ALA C 135 20.37 10.12 8.32
CA ALA C 135 21.62 9.79 8.99
C ALA C 135 22.16 8.48 8.46
N ALA C 136 23.47 8.45 8.18
CA ALA C 136 24.16 7.21 7.84
C ALA C 136 24.68 6.46 9.06
N THR C 137 24.61 7.08 10.25
CA THR C 137 25.00 6.44 11.49
C THR C 137 23.98 5.37 11.88
N LYS C 138 24.45 4.38 12.63
CA LYS C 138 23.59 3.35 13.20
C LYS C 138 23.01 3.86 14.51
N VAL C 139 21.82 3.36 14.86
CA VAL C 139 21.21 3.70 16.13
C VAL C 139 22.06 3.16 17.27
N GLU C 140 22.01 3.83 18.42
CA GLU C 140 22.84 3.49 19.57
C GLU C 140 22.01 2.81 20.66
N THR C 141 22.62 1.84 21.33
CA THR C 141 21.97 1.06 22.39
C THR C 141 22.29 1.59 23.78
N ASN C 142 23.57 1.87 24.08
CA ASN C 142 23.98 2.22 25.42
C ASN C 142 23.83 3.73 25.66
N PRO C 143 23.42 4.09 26.88
CA PRO C 143 23.02 5.49 27.14
C PRO C 143 24.13 6.52 26.97
N GLU C 144 25.28 6.30 27.60
CA GLU C 144 26.37 7.26 27.49
C GLU C 144 26.84 7.41 26.05
N GLU C 145 26.66 6.37 25.23
CA GLU C 145 26.87 6.51 23.79
C GLU C 145 25.72 7.25 23.12
N VAL C 146 24.48 6.99 23.56
CA VAL C 146 23.34 7.73 23.04
C VAL C 146 23.51 9.22 23.33
N PHE C 147 24.10 9.54 24.49
CA PHE C 147 24.29 10.95 24.85
C PHE C 147 25.32 11.62 23.94
N THR C 148 26.52 11.04 23.84
CA THR C 148 27.53 11.63 22.98
C THR C 148 27.10 11.61 21.51
N SER C 149 26.27 10.63 21.13
CA SER C 149 25.75 10.59 19.77
C SER C 149 24.93 11.83 19.44
N MET C 150 23.94 12.14 20.29
CA MET C 150 23.12 13.31 20.04
C MET C 150 23.90 14.61 20.27
N MET C 151 24.92 14.57 21.13
CA MET C 151 25.75 15.75 21.31
C MET C 151 26.42 16.14 19.99
N GLU C 152 26.88 15.13 19.23
CA GLU C 152 27.45 15.38 17.92
C GLU C 152 26.37 15.69 16.89
N PHE C 153 25.16 15.15 17.08
CA PHE C 153 24.07 15.44 16.16
C PHE C 153 23.70 16.92 16.20
N PHE C 154 23.57 17.47 17.40
CA PHE C 154 23.34 18.90 17.53
C PHE C 154 24.46 19.70 16.89
N LYS C 155 25.71 19.30 17.16
CA LYS C 155 26.86 20.06 16.67
C LYS C 155 26.81 20.19 15.15
N GLU C 156 26.51 19.10 14.46
CA GLU C 156 26.50 19.13 13.00
C GLU C 156 25.21 19.74 12.47
N ARG C 157 24.06 19.33 13.00
CA ARG C 157 22.80 19.87 12.51
C ARG C 157 22.69 21.37 12.74
N ILE C 158 23.30 21.89 13.80
CA ILE C 158 23.33 23.33 13.99
C ILE C 158 24.18 23.99 12.92
N ALA C 159 25.35 23.42 12.64
CA ALA C 159 26.25 24.02 11.66
C ALA C 159 25.60 24.08 10.28
N ALA C 160 24.86 23.05 9.90
CA ALA C 160 24.12 23.06 8.64
C ALA C 160 23.07 24.17 8.61
N LEU C 161 22.41 24.44 9.74
CA LEU C 161 21.38 25.47 9.77
C LEU C 161 21.98 26.87 9.77
N VAL C 162 23.00 27.12 10.60
CA VAL C 162 23.56 28.47 10.67
C VAL C 162 24.26 28.83 9.36
N GLU C 163 24.82 27.83 8.68
CA GLU C 163 25.36 28.05 7.34
C GLU C 163 24.28 28.57 6.39
N ALA C 164 23.16 27.84 6.31
CA ALA C 164 22.10 28.19 5.38
C ALA C 164 21.53 29.58 5.60
N GLY C 165 21.73 30.17 6.78
CA GLY C 165 21.31 31.54 7.00
C GLY C 165 20.49 31.78 8.25
N VAL C 166 20.18 30.72 8.98
CA VAL C 166 19.42 30.87 10.23
C VAL C 166 20.38 31.35 11.32
N LYS C 167 19.89 32.23 12.18
CA LYS C 167 20.69 32.68 13.32
C LYS C 167 20.65 31.62 14.41
N ARG C 168 21.82 31.30 14.97
CA ARG C 168 21.89 30.25 15.98
C ARG C 168 21.07 30.56 17.22
N GLU C 169 20.78 31.85 17.49
CA GLU C 169 19.97 32.20 18.66
C GLU C 169 18.53 31.72 18.54
N ARG C 170 18.08 31.36 17.34
CA ARG C 170 16.72 30.88 17.13
C ARG C 170 16.58 29.38 17.33
N ILE C 171 17.68 28.66 17.53
CA ILE C 171 17.67 27.20 17.55
C ILE C 171 17.54 26.73 18.99
N ILE C 172 16.37 26.27 19.37
CA ILE C 172 16.20 25.63 20.67
C ILE C 172 16.42 24.13 20.52
N LEU C 173 17.16 23.56 21.46
CA LEU C 173 17.56 22.15 21.38
C LEU C 173 16.65 21.32 22.29
N ASP C 174 16.00 20.32 21.71
CA ASP C 174 15.21 19.34 22.43
C ASP C 174 15.91 17.99 22.30
N PRO C 175 16.51 17.46 23.36
CA PRO C 175 17.18 16.16 23.25
C PRO C 175 16.23 14.97 23.14
N GLY C 176 14.92 15.18 23.22
CA GLY C 176 13.98 14.09 23.16
C GLY C 176 13.97 13.26 24.43
N MET C 177 12.89 12.52 24.68
CA MET C 177 12.77 11.78 25.92
C MET C 177 11.91 10.54 25.72
N GLY C 178 12.15 9.54 26.55
CA GLY C 178 11.36 8.32 26.52
C GLY C 178 11.62 7.45 25.31
N PHE C 179 10.54 7.00 24.65
CA PHE C 179 10.67 6.08 23.52
C PHE C 179 11.63 6.62 22.46
N PHE C 180 11.75 7.94 22.37
CA PHE C 180 12.63 8.62 21.42
C PHE C 180 14.11 8.37 21.69
N LEU C 181 14.45 7.78 22.85
CA LEU C 181 15.82 7.43 23.17
C LEU C 181 15.99 5.92 23.32
N GLY C 182 15.07 5.12 22.76
CA GLY C 182 15.03 3.70 22.98
C GLY C 182 14.14 3.31 24.15
N SER C 183 13.83 2.02 24.21
CA SER C 183 13.06 1.46 25.33
C SER C 183 13.87 1.40 26.62
N ASN C 184 14.96 2.17 26.68
CA ASN C 184 15.92 2.12 27.76
C ASN C 184 15.64 3.30 28.68
N PRO C 185 15.15 3.06 29.91
CA PRO C 185 14.77 4.20 30.77
C PRO C 185 15.95 5.05 31.23
N GLU C 186 17.10 4.42 31.37
CA GLU C 186 18.28 5.11 31.83
C GLU C 186 18.70 6.20 30.88
N THR C 187 18.52 5.97 29.60
CA THR C 187 18.84 6.97 28.58
C THR C 187 18.13 8.28 28.91
N SER C 188 16.81 8.23 29.03
CA SER C 188 16.07 9.44 29.37
C SER C 188 16.40 9.95 30.76
N ILE C 189 16.78 9.06 31.69
CA ILE C 189 17.27 9.50 32.99
C ILE C 189 18.59 10.24 32.84
N LEU C 190 19.56 9.61 32.15
CA LEU C 190 20.85 10.23 31.87
C LEU C 190 20.67 11.63 31.28
N VAL C 191 19.91 11.72 30.18
CA VAL C 191 19.69 13.02 29.54
C VAL C 191 18.98 13.98 30.49
N LEU C 192 18.07 13.46 31.32
CA LEU C 192 17.29 14.31 32.21
C LEU C 192 18.15 15.01 33.24
N LYS C 193 19.29 14.43 33.61
CA LYS C 193 20.14 15.06 34.61
C LYS C 193 21.35 15.75 34.02
N ARG C 194 21.84 15.31 32.86
CA ARG C 194 22.99 15.94 32.23
C ARG C 194 22.62 16.90 31.12
N PHE C 195 21.34 17.25 31.00
CA PHE C 195 20.97 18.18 29.94
C PHE C 195 21.54 19.58 30.13
N PRO C 196 21.91 20.03 31.35
CA PRO C 196 22.69 21.28 31.42
C PRO C 196 23.95 21.25 30.56
N GLU C 197 24.53 20.06 30.34
CA GLU C 197 25.72 19.97 29.49
C GLU C 197 25.42 20.41 28.06
N ILE C 198 24.17 20.24 27.62
CA ILE C 198 23.78 20.76 26.32
C ILE C 198 23.88 22.27 26.32
N GLN C 199 23.30 22.92 27.34
CA GLN C 199 23.23 24.37 27.37
C GLN C 199 24.62 25.00 27.37
N GLU C 200 25.53 24.49 28.20
CA GLU C 200 26.83 25.13 28.30
C GLU C 200 27.69 24.85 27.07
N ALA C 201 27.60 23.64 26.52
CA ALA C 201 28.42 23.26 25.37
C ALA C 201 27.92 23.84 24.05
N PHE C 202 26.71 24.37 23.99
CA PHE C 202 26.19 24.98 22.79
C PHE C 202 25.73 26.42 22.97
N ASN C 203 25.65 26.91 24.21
CA ASN C 203 25.21 28.28 24.52
C ASN C 203 23.83 28.55 23.92
N LEU C 204 22.88 27.68 24.25
CA LEU C 204 21.57 27.75 23.66
C LEU C 204 20.54 27.19 24.62
N GLN C 205 19.27 27.45 24.32
CA GLN C 205 18.19 27.02 25.19
C GLN C 205 17.90 25.53 24.98
N VAL C 206 17.29 24.92 26.00
CA VAL C 206 16.96 23.50 25.96
C VAL C 206 15.49 23.36 26.30
N MET C 207 14.77 22.60 25.47
CA MET C 207 13.41 22.21 25.78
C MET C 207 13.44 20.82 26.41
N ILE C 208 12.70 20.66 27.50
CA ILE C 208 12.50 19.36 28.10
C ILE C 208 11.03 19.01 27.95
N ALA C 209 10.75 17.92 27.26
CA ALA C 209 9.39 17.42 27.06
C ALA C 209 9.35 16.05 27.70
N VAL C 210 8.93 16.01 28.97
CA VAL C 210 8.93 14.78 29.75
C VAL C 210 7.53 14.32 30.14
N SER C 211 6.50 15.14 29.87
CA SER C 211 5.17 14.87 30.39
C SER C 211 4.60 13.54 29.90
N ARG C 212 4.19 12.70 30.84
CA ARG C 212 3.45 11.47 30.57
C ARG C 212 4.24 10.44 29.76
N LYS C 213 5.57 10.53 29.77
CA LYS C 213 6.39 9.54 29.09
C LYS C 213 6.43 8.25 29.88
N SER C 214 6.59 7.13 29.16
CA SER C 214 6.41 5.82 29.80
C SER C 214 7.58 5.46 30.70
N PHE C 215 8.77 6.02 30.44
CA PHE C 215 9.92 5.66 31.25
C PHE C 215 9.73 6.07 32.70
N LEU C 216 8.95 7.12 32.95
CA LEU C 216 8.61 7.47 34.33
C LEU C 216 7.91 6.32 35.03
N GLY C 217 7.13 5.52 34.29
CA GLY C 217 6.51 4.35 34.87
C GLY C 217 7.49 3.28 35.30
N LYS C 218 8.65 3.20 34.62
CA LYS C 218 9.65 2.24 35.05
C LYS C 218 10.20 2.60 36.42
N ILE C 219 10.46 3.89 36.65
CA ILE C 219 10.99 4.35 37.94
C ILE C 219 9.97 4.15 39.03
N THR C 220 8.69 4.37 38.71
CA THR C 220 7.65 4.49 39.72
C THR C 220 6.83 3.22 39.92
N GLY C 221 6.43 2.56 38.83
CA GLY C 221 5.52 1.43 38.96
C GLY C 221 4.07 1.81 39.03
N THR C 222 3.69 2.95 38.44
CA THR C 222 2.30 3.38 38.42
C THR C 222 1.92 3.76 36.99
N ASP C 223 0.68 4.22 36.85
CA ASP C 223 0.11 4.54 35.54
C ASP C 223 0.39 6.01 35.24
N VAL C 224 1.54 6.26 34.61
CA VAL C 224 1.93 7.63 34.31
C VAL C 224 1.10 8.25 33.19
N LYS C 225 0.45 7.44 32.35
CA LYS C 225 -0.20 7.98 31.16
C LYS C 225 -1.43 8.83 31.49
N SER C 226 -1.99 8.71 32.71
CA SER C 226 -3.14 9.50 33.11
C SER C 226 -2.95 10.13 34.48
N ARG C 227 -1.84 9.83 35.15
CA ARG C 227 -1.55 10.33 36.51
C ARG C 227 -0.63 11.53 36.57
N LEU C 228 -0.88 12.42 37.52
CA LEU C 228 -0.21 13.72 37.58
C LEU C 228 1.19 13.61 38.16
N ALA C 229 1.33 12.90 39.29
CA ALA C 229 2.52 13.03 40.12
C ALA C 229 3.81 12.69 39.38
N PRO C 230 3.98 11.48 38.83
CA PRO C 230 5.31 11.12 38.32
C PRO C 230 5.77 12.04 37.21
N THR C 231 4.85 12.55 36.40
CA THR C 231 5.21 13.59 35.45
C THR C 231 5.67 14.83 36.18
N LEU C 232 4.84 15.35 37.11
CA LEU C 232 5.16 16.61 37.78
C LEU C 232 6.47 16.51 38.55
N ALA C 233 6.72 15.37 39.19
CA ALA C 233 8.00 15.17 39.87
C ALA C 233 9.17 15.39 38.92
N ALA C 234 9.06 14.88 37.69
CA ALA C 234 10.15 15.04 36.72
C ALA C 234 10.23 16.46 36.20
N GLU C 235 9.08 17.09 35.94
CA GLU C 235 9.09 18.45 35.44
C GLU C 235 9.73 19.40 36.44
N MET C 236 9.46 19.21 37.75
CA MET C 236 10.07 20.08 38.74
C MET C 236 11.59 19.92 38.74
N TYR C 237 12.06 18.69 38.60
CA TYR C 237 13.50 18.44 38.54
C TYR C 237 14.13 19.25 37.43
N ALA C 238 13.56 19.17 36.22
CA ALA C 238 14.08 19.91 35.08
C ALA C 238 14.04 21.41 35.30
N TYR C 239 13.00 21.91 35.99
CA TYR C 239 12.93 23.34 36.28
C TYR C 239 14.11 23.76 37.16
N LYS C 240 14.39 23.01 38.22
CA LYS C 240 15.50 23.40 39.11
C LYS C 240 16.84 23.23 38.43
N LYS C 241 16.95 22.28 37.51
CA LYS C 241 18.19 22.10 36.75
C LYS C 241 18.35 23.13 35.63
N GLY C 242 17.37 24.01 35.44
CA GLY C 242 17.53 25.12 34.53
C GLY C 242 16.91 24.98 33.16
N ALA C 243 15.97 24.04 32.96
CA ALA C 243 15.31 23.89 31.68
C ALA C 243 14.65 25.20 31.26
N ASP C 244 14.89 25.63 30.02
CA ASP C 244 14.34 26.90 29.57
C ASP C 244 12.87 26.76 29.20
N TYR C 245 12.49 25.65 28.57
CA TYR C 245 11.12 25.41 28.16
C TYR C 245 10.69 24.03 28.64
N LEU C 246 9.41 23.92 28.99
CA LEU C 246 8.83 22.65 29.40
C LEU C 246 7.56 22.44 28.60
N ARG C 247 7.50 21.33 27.87
CA ARG C 247 6.30 20.91 27.15
C ARG C 247 5.50 19.99 28.04
N THR C 248 4.19 20.23 28.13
CA THR C 248 3.39 19.52 29.11
C THR C 248 1.92 19.58 28.73
N HIS C 249 1.20 18.48 28.98
CA HIS C 249 -0.26 18.51 28.88
C HIS C 249 -0.88 19.25 30.06
N ASP C 250 -0.61 18.79 31.28
CA ASP C 250 -1.21 19.36 32.49
C ASP C 250 -0.51 20.67 32.84
N VAL C 251 -0.89 21.74 32.14
CA VAL C 251 -0.25 23.03 32.37
C VAL C 251 -0.60 23.55 33.76
N LYS C 252 -1.87 23.40 34.17
CA LYS C 252 -2.30 23.94 35.45
C LYS C 252 -1.50 23.34 36.60
N SER C 253 -1.40 22.00 36.64
CA SER C 253 -0.60 21.37 37.69
C SER C 253 0.82 21.89 37.69
N LEU C 254 1.44 21.99 36.52
CA LEU C 254 2.77 22.55 36.42
C LEU C 254 2.77 23.94 37.03
N SER C 255 2.13 24.90 36.37
CA SER C 255 2.09 26.31 36.80
C SER C 255 1.98 26.50 38.31
N ASP C 256 1.09 25.77 38.97
CA ASP C 256 0.94 25.89 40.41
C ASP C 256 2.14 25.29 41.15
N ALA C 257 2.70 24.19 40.66
CA ALA C 257 3.88 23.64 41.29
C ALA C 257 5.07 24.58 41.17
N LEU C 258 5.13 25.42 40.14
CA LEU C 258 6.20 26.41 40.12
C LEU C 258 5.90 27.62 41.00
N LYS C 259 4.62 27.95 41.18
CA LYS C 259 4.28 29.05 42.09
C LYS C 259 4.71 28.73 43.51
N ILE C 260 4.50 27.48 43.93
CA ILE C 260 4.96 27.04 45.24
C ILE C 260 6.49 27.09 45.32
N SER C 261 7.16 26.55 44.30
CA SER C 261 8.62 26.51 44.36
C SER C 261 9.24 27.89 44.28
N LYS C 262 8.49 28.90 43.84
CA LYS C 262 9.04 30.26 43.84
C LYS C 262 8.84 30.91 45.20
N ALA C 263 7.69 30.67 45.83
CA ALA C 263 7.47 31.19 47.19
C ALA C 263 8.49 30.63 48.17
N LEU C 264 8.98 29.41 47.92
CA LEU C 264 10.02 28.78 48.74
C LEU C 264 11.42 29.05 48.22
N GLY C 265 11.59 29.96 47.28
CA GLY C 265 12.88 30.22 46.67
C GLY C 265 13.94 30.77 47.60
N GLY D 2 30.96 5.01 -29.78
CA GLY D 2 29.72 5.74 -29.66
C GLY D 2 28.51 4.83 -29.51
N MET D 3 28.38 4.21 -28.34
CA MET D 3 27.32 3.24 -28.07
C MET D 3 26.82 3.39 -26.64
N SER D 4 25.50 3.35 -26.48
CA SER D 4 24.89 3.39 -25.16
C SER D 4 25.16 2.11 -24.38
N LYS D 5 25.33 2.25 -23.08
CA LYS D 5 25.49 1.10 -22.21
C LYS D 5 24.14 0.73 -21.59
N ILE D 6 23.93 -0.57 -21.40
CA ILE D 6 22.65 -1.11 -20.97
C ILE D 6 22.68 -1.29 -19.47
N PHE D 7 21.61 -0.85 -18.80
CA PHE D 7 21.36 -1.11 -17.39
C PHE D 7 20.25 -2.14 -17.28
N GLY D 8 20.57 -3.31 -16.74
CA GLY D 8 19.58 -4.35 -16.53
C GLY D 8 18.93 -4.22 -15.17
N ILE D 9 17.61 -4.35 -15.14
CA ILE D 9 16.84 -4.15 -13.92
C ILE D 9 16.66 -5.50 -13.23
N VAL D 10 17.17 -5.61 -12.02
CA VAL D 10 16.91 -6.75 -11.16
C VAL D 10 16.33 -6.24 -9.86
N ASN D 11 15.10 -6.65 -9.56
CA ASN D 11 14.36 -6.15 -8.40
C ASN D 11 14.21 -7.28 -7.39
N ILE D 12 14.88 -7.14 -6.24
CA ILE D 12 14.85 -8.18 -5.21
C ILE D 12 13.57 -8.15 -4.37
N THR D 13 12.73 -7.12 -4.54
CA THR D 13 11.44 -7.10 -3.86
C THR D 13 10.53 -8.20 -4.39
N THR D 14 9.95 -8.98 -3.48
CA THR D 14 9.13 -10.14 -3.83
C THR D 14 7.91 -9.79 -4.69
N LEU D 24 11.68 -12.44 -3.21
CA LEU D 24 12.60 -13.32 -3.93
C LEU D 24 13.85 -13.59 -3.11
N ASP D 25 14.03 -14.86 -2.70
CA ASP D 25 15.29 -15.24 -2.07
C ASP D 25 16.44 -15.00 -3.04
N THR D 26 17.61 -14.68 -2.49
CA THR D 26 18.69 -14.12 -3.29
C THR D 26 19.08 -15.00 -4.47
N ASP D 27 18.71 -16.29 -4.46
CA ASP D 27 19.10 -17.18 -5.55
C ASP D 27 18.38 -16.82 -6.84
N LYS D 28 17.14 -16.31 -6.77
CA LYS D 28 16.43 -15.94 -7.98
C LYS D 28 16.93 -14.62 -8.54
N ALA D 29 17.24 -13.66 -7.67
CA ALA D 29 17.78 -12.38 -8.15
C ALA D 29 19.12 -12.60 -8.85
N ILE D 30 19.92 -13.54 -8.34
CA ILE D 30 21.18 -13.86 -8.98
C ILE D 30 20.94 -14.48 -10.35
N GLU D 31 19.99 -15.43 -10.42
CA GLU D 31 19.63 -16.05 -11.69
C GLU D 31 19.21 -15.00 -12.72
N HIS D 32 18.37 -14.04 -12.31
CA HIS D 32 17.90 -13.03 -13.23
C HIS D 32 19.05 -12.15 -13.72
N ALA D 33 19.92 -11.71 -12.81
CA ALA D 33 21.02 -10.84 -13.21
C ALA D 33 21.93 -11.54 -14.21
N LEU D 34 22.22 -12.82 -13.97
CA LEU D 34 23.09 -13.57 -14.88
C LEU D 34 22.48 -13.66 -16.27
N HIS D 35 21.19 -14.00 -16.34
CA HIS D 35 20.50 -14.04 -17.64
C HIS D 35 20.57 -12.69 -18.32
N LEU D 36 20.42 -11.60 -17.57
CA LEU D 36 20.48 -10.29 -18.19
C LEU D 36 21.86 -9.99 -18.75
N VAL D 37 22.93 -10.50 -18.12
CA VAL D 37 24.26 -10.30 -18.66
C VAL D 37 24.45 -11.11 -19.94
N GLU D 38 23.92 -12.35 -19.96
CA GLU D 38 23.91 -13.13 -21.18
C GLU D 38 23.18 -12.39 -22.30
N ASP D 39 22.07 -11.73 -21.96
CA ASP D 39 21.29 -10.96 -22.92
C ASP D 39 22.02 -9.71 -23.42
N GLY D 40 23.12 -9.33 -22.78
CA GLY D 40 23.86 -8.15 -23.17
C GLY D 40 23.83 -6.97 -22.19
N ALA D 41 23.56 -7.21 -20.91
CA ALA D 41 23.55 -6.12 -19.94
C ALA D 41 24.98 -5.81 -19.54
N ASP D 42 25.36 -4.53 -19.68
CA ASP D 42 26.68 -4.12 -19.24
C ASP D 42 26.73 -3.94 -17.72
N VAL D 43 25.64 -3.43 -17.15
CA VAL D 43 25.51 -3.19 -15.72
C VAL D 43 24.21 -3.82 -15.25
N ILE D 44 24.23 -4.39 -14.05
CA ILE D 44 23.01 -4.89 -13.41
C ILE D 44 22.59 -3.86 -12.38
N ASP D 45 21.33 -3.42 -12.47
CA ASP D 45 20.78 -2.41 -11.56
C ASP D 45 19.93 -3.13 -10.52
N LEU D 46 20.44 -3.22 -9.31
CA LEU D 46 19.75 -3.92 -8.22
C LEU D 46 18.83 -2.97 -7.48
N GLY D 47 17.67 -3.48 -7.09
CA GLY D 47 16.73 -2.72 -6.30
C GLY D 47 16.15 -3.55 -5.17
N ALA D 48 16.02 -2.96 -3.99
CA ALA D 48 15.48 -3.67 -2.84
C ALA D 48 14.59 -2.73 -2.02
N ALA D 49 13.45 -2.37 -2.57
CA ALA D 49 12.52 -1.49 -1.89
C ALA D 49 11.87 -2.15 -0.68
N SER D 50 11.32 -1.34 0.22
CA SER D 50 10.69 -1.87 1.43
C SER D 50 9.24 -2.30 1.23
N SER D 51 8.52 -2.37 2.33
CA SER D 51 7.16 -2.93 2.30
C SER D 51 6.30 -2.28 1.23
N ASN D 52 6.46 -0.97 1.04
CA ASN D 52 5.74 -0.15 0.07
C ASN D 52 6.76 0.86 -0.45
N PRO D 53 6.40 1.78 -1.38
CA PRO D 53 7.20 2.99 -1.58
C PRO D 53 7.00 4.05 -0.50
N ASP D 54 7.07 3.61 0.78
CA ASP D 54 6.62 4.45 1.90
C ASP D 54 7.39 4.35 3.20
N THR D 55 8.43 3.51 3.25
CA THR D 55 9.24 3.34 4.44
C THR D 55 10.72 3.56 4.16
N THR D 56 11.48 3.85 5.21
CA THR D 56 12.91 4.09 5.06
C THR D 56 13.63 3.88 6.40
N GLY D 59 14.14 -1.80 9.20
CA GLY D 59 13.93 -2.10 7.79
C GLY D 59 15.21 -2.02 6.98
N VAL D 60 15.97 -0.95 7.20
CA VAL D 60 17.23 -0.75 6.49
C VAL D 60 18.14 -1.96 6.63
N VAL D 61 17.97 -2.71 7.72
CA VAL D 61 18.78 -3.89 7.98
C VAL D 61 18.41 -5.01 7.01
N GLU D 62 17.15 -5.08 6.58
CA GLU D 62 16.72 -6.13 5.66
C GLU D 62 17.05 -5.80 4.21
N GLU D 63 16.94 -4.54 3.81
CA GLU D 63 17.34 -4.15 2.47
C GLU D 63 18.83 -4.42 2.25
N ILE D 64 19.65 -4.23 3.29
CA ILE D 64 21.07 -4.49 3.16
C ILE D 64 21.32 -6.00 3.10
N LYS D 65 20.69 -6.75 4.00
CA LYS D 65 20.92 -8.19 4.01
C LYS D 65 20.36 -8.88 2.77
N ARG D 66 19.49 -8.20 2.02
CA ARG D 66 19.03 -8.75 0.75
C ARG D 66 19.93 -8.34 -0.41
N LEU D 67 20.56 -7.17 -0.31
CA LEU D 67 21.55 -6.75 -1.30
C LEU D 67 22.88 -7.46 -1.14
N LYS D 68 23.28 -7.76 0.11
CA LYS D 68 24.62 -8.29 0.37
C LYS D 68 24.93 -9.55 -0.40
N PRO D 69 24.11 -10.62 -0.38
CA PRO D 69 24.54 -11.87 -1.04
C PRO D 69 24.54 -11.77 -2.55
N VAL D 70 23.62 -10.98 -3.14
CA VAL D 70 23.64 -10.80 -4.58
C VAL D 70 24.88 -10.03 -5.01
N ILE D 71 25.22 -8.96 -4.29
CA ILE D 71 26.42 -8.18 -4.60
C ILE D 71 27.66 -9.06 -4.55
N LYS D 72 27.74 -9.96 -3.56
CA LYS D 72 28.92 -10.80 -3.44
C LYS D 72 29.04 -11.75 -4.62
N ALA D 73 27.92 -12.36 -5.03
CA ALA D 73 27.96 -13.30 -6.14
C ALA D 73 28.31 -12.61 -7.46
N LEU D 74 27.78 -11.40 -7.66
CA LEU D 74 28.08 -10.67 -8.89
C LEU D 74 29.52 -10.17 -8.90
N LYS D 75 29.98 -9.61 -7.77
CA LYS D 75 31.39 -9.22 -7.68
C LYS D 75 32.33 -10.41 -7.85
N GLU D 76 31.83 -11.62 -7.60
CA GLU D 76 32.64 -12.81 -7.79
C GLU D 76 32.93 -13.09 -9.25
N LYS D 77 31.98 -12.75 -10.14
CA LYS D 77 32.13 -12.90 -11.57
C LYS D 77 32.49 -11.59 -12.26
N GLY D 78 32.90 -10.58 -11.50
CA GLY D 78 33.31 -9.32 -12.08
C GLY D 78 32.23 -8.56 -12.81
N ILE D 79 30.97 -8.85 -12.52
CA ILE D 79 29.83 -8.15 -13.12
C ILE D 79 29.71 -6.77 -12.45
N SER D 80 29.72 -5.72 -13.26
CA SER D 80 29.59 -4.38 -12.71
C SER D 80 28.18 -4.19 -12.16
N ILE D 81 28.08 -3.60 -10.97
CA ILE D 81 26.84 -3.56 -10.21
C ILE D 81 26.45 -2.12 -9.97
N SER D 82 25.17 -1.81 -10.18
CA SER D 82 24.56 -0.58 -9.73
C SER D 82 23.45 -0.90 -8.75
N VAL D 83 23.31 -0.08 -7.71
CA VAL D 83 22.34 -0.30 -6.66
C VAL D 83 21.38 0.88 -6.59
N ASP D 84 20.09 0.59 -6.67
CA ASP D 84 19.04 1.61 -6.64
C ASP D 84 18.54 1.70 -5.21
N THR D 85 19.09 2.65 -4.46
CA THR D 85 18.66 2.86 -3.09
C THR D 85 18.67 4.36 -2.81
N PHE D 86 17.76 4.77 -1.94
CA PHE D 86 17.64 6.16 -1.53
C PHE D 86 17.89 6.36 -0.05
N LYS D 87 18.08 5.27 0.70
CA LYS D 87 18.29 5.33 2.14
C LYS D 87 19.78 5.51 2.42
N PRO D 88 20.18 6.60 3.08
CA PRO D 88 21.62 6.89 3.24
C PRO D 88 22.40 5.76 3.90
N GLU D 89 21.80 5.03 4.85
CA GLU D 89 22.48 3.91 5.49
C GLU D 89 22.79 2.80 4.49
N VAL D 90 21.93 2.60 3.50
CA VAL D 90 22.18 1.58 2.49
C VAL D 90 23.21 2.07 1.48
N GLN D 91 23.16 3.36 1.13
CA GLN D 91 24.18 3.91 0.23
C GLN D 91 25.56 3.82 0.87
N SER D 92 25.65 3.99 2.18
CA SER D 92 26.92 3.82 2.87
C SER D 92 27.39 2.38 2.84
N PHE D 93 26.45 1.43 2.87
CA PHE D 93 26.82 0.02 2.71
C PHE D 93 27.39 -0.23 1.33
N CYS D 94 26.71 0.28 0.30
CA CYS D 94 27.20 0.12 -1.08
C CYS D 94 28.55 0.79 -1.26
N ILE D 95 28.72 1.99 -0.71
CA ILE D 95 30.01 2.65 -0.76
C ILE D 95 31.09 1.73 -0.21
N ALA D 96 30.86 1.16 0.97
CA ALA D 96 31.83 0.24 1.56
C ALA D 96 32.02 -1.00 0.71
N ALA D 97 30.94 -1.54 0.16
CA ALA D 97 31.05 -2.67 -0.76
C ALA D 97 31.59 -2.27 -2.12
N ALA D 98 31.74 -0.97 -2.39
CA ALA D 98 32.37 -0.48 -3.62
C ALA D 98 31.66 -1.01 -4.87
N VAL D 99 30.34 -0.81 -4.92
CA VAL D 99 29.60 -1.05 -6.14
C VAL D 99 30.05 0.00 -7.16
N ASP D 100 29.64 -0.17 -8.42
CA ASP D 100 30.10 0.74 -9.46
C ASP D 100 29.23 1.97 -9.62
N PHE D 101 27.94 1.87 -9.28
CA PHE D 101 27.01 2.99 -9.40
C PHE D 101 26.09 3.04 -8.20
N ILE D 102 25.81 4.25 -7.73
CA ILE D 102 24.77 4.50 -6.75
C ILE D 102 23.63 5.20 -7.47
N ASN D 103 22.45 4.59 -7.46
CA ASN D 103 21.28 5.12 -8.15
C ASN D 103 20.29 5.57 -7.09
N ASP D 104 20.42 6.81 -6.64
CA ASP D 104 19.51 7.38 -5.66
C ASP D 104 18.34 8.01 -6.38
N ILE D 105 17.14 7.70 -5.91
CA ILE D 105 15.96 8.29 -6.54
C ILE D 105 15.70 9.71 -6.04
N GLN D 106 16.22 10.08 -4.86
CA GLN D 106 16.05 11.44 -4.34
C GLN D 106 17.20 12.36 -4.76
N GLY D 107 18.13 11.87 -5.57
CA GLY D 107 19.22 12.68 -6.06
C GLY D 107 20.21 13.16 -5.01
N PHE D 108 20.45 12.34 -3.98
CA PHE D 108 21.37 12.65 -2.88
C PHE D 108 21.01 13.96 -2.18
N PRO D 109 19.84 14.05 -1.54
CA PRO D 109 19.43 15.32 -0.93
C PRO D 109 20.07 15.60 0.42
N TYR D 110 20.74 14.61 1.02
CA TYR D 110 21.28 14.74 2.36
C TYR D 110 22.78 14.97 2.29
N PRO D 111 23.27 16.19 2.51
CA PRO D 111 24.72 16.42 2.47
C PRO D 111 25.48 15.89 3.67
N GLU D 112 24.78 15.34 4.67
CA GLU D 112 25.48 14.65 5.75
C GLU D 112 26.30 13.48 5.23
N ILE D 113 25.87 12.90 4.11
CA ILE D 113 26.51 11.71 3.54
C ILE D 113 27.53 12.09 2.46
N TYR D 114 27.47 13.33 1.94
CA TYR D 114 28.38 13.77 0.89
C TYR D 114 29.84 13.53 1.26
N SER D 115 30.17 13.59 2.55
CA SER D 115 31.55 13.32 2.97
C SER D 115 31.93 11.87 2.70
N GLY D 116 30.99 10.95 2.87
CA GLY D 116 31.29 9.54 2.63
C GLY D 116 31.38 9.18 1.15
N LEU D 117 30.58 9.84 0.31
CA LEU D 117 30.61 9.55 -1.12
C LEU D 117 31.93 9.96 -1.75
N ALA D 118 32.56 11.00 -1.21
CA ALA D 118 33.81 11.47 -1.80
C ALA D 118 34.90 10.43 -1.69
N LYS D 119 34.93 9.69 -0.58
CA LYS D 119 36.00 8.74 -0.30
C LYS D 119 36.01 7.58 -1.28
N SER D 120 34.89 7.29 -1.93
CA SER D 120 34.81 6.16 -2.84
C SER D 120 35.15 6.57 -4.27
N ASP D 121 35.25 5.57 -5.14
CA ASP D 121 35.51 5.77 -6.56
C ASP D 121 34.29 5.48 -7.43
N CYS D 122 33.19 5.03 -6.83
CA CYS D 122 32.02 4.66 -7.61
C CYS D 122 31.36 5.89 -8.23
N LYS D 123 30.59 5.64 -9.29
CA LYS D 123 29.85 6.67 -9.99
C LYS D 123 28.49 6.88 -9.35
N LEU D 124 27.95 8.09 -9.50
CA LEU D 124 26.69 8.48 -8.88
C LEU D 124 25.66 8.83 -9.95
N VAL D 125 24.50 8.18 -9.89
CA VAL D 125 23.40 8.46 -10.81
C VAL D 125 22.49 9.45 -10.11
N LEU D 126 22.75 10.74 -10.32
CA LEU D 126 21.97 11.81 -9.72
C LEU D 126 20.74 12.02 -10.59
N MET D 127 19.59 11.52 -10.13
CA MET D 127 18.38 11.64 -10.94
C MET D 127 17.59 12.87 -10.52
N HIS D 128 17.15 13.65 -11.51
CA HIS D 128 16.24 14.74 -11.26
C HIS D 128 14.81 14.23 -11.20
N SER D 129 14.06 14.68 -10.21
CA SER D 129 12.65 14.37 -10.09
C SER D 129 11.90 15.69 -9.86
N VAL D 130 10.58 15.60 -9.85
CA VAL D 130 9.73 16.75 -9.55
C VAL D 130 9.05 16.63 -8.19
N GLN D 131 9.28 15.53 -7.47
CA GLN D 131 8.69 15.29 -6.16
C GLN D 131 9.74 15.32 -5.05
N ARG D 132 10.77 16.15 -5.20
CA ARG D 132 11.75 16.33 -4.14
C ARG D 132 11.13 17.05 -2.95
N ILE D 133 11.66 16.76 -1.76
CA ILE D 133 11.10 17.24 -0.50
C ILE D 133 11.32 18.75 -0.36
N GLY D 134 10.51 19.55 -1.07
CA GLY D 134 10.63 20.98 -1.05
C GLY D 134 9.37 21.66 -0.52
N ALA D 135 9.47 22.98 -0.34
CA ALA D 135 8.42 23.79 0.26
C ALA D 135 7.10 23.70 -0.49
N GLU D 140 2.81 17.84 -14.69
CA GLU D 140 1.50 18.48 -14.76
C GLU D 140 1.62 19.98 -15.07
N THR D 141 2.58 20.65 -14.44
CA THR D 141 2.84 22.06 -14.73
C THR D 141 3.43 22.20 -16.14
N ASN D 142 3.75 23.43 -16.52
CA ASN D 142 4.16 23.71 -17.90
C ASN D 142 5.45 22.96 -18.24
N PRO D 143 5.48 22.22 -19.37
CA PRO D 143 6.67 21.41 -19.70
C PRO D 143 8.00 22.15 -19.72
N GLU D 144 8.13 23.18 -20.57
CA GLU D 144 9.44 23.82 -20.72
C GLU D 144 9.93 24.49 -19.45
N GLU D 145 9.03 24.84 -18.52
CA GLU D 145 9.47 25.36 -17.24
C GLU D 145 9.94 24.24 -16.30
N VAL D 146 9.43 23.02 -16.49
CA VAL D 146 9.99 21.88 -15.77
C VAL D 146 11.41 21.60 -16.25
N PHE D 147 11.68 21.84 -17.54
CA PHE D 147 12.99 21.58 -18.10
C PHE D 147 14.05 22.47 -17.46
N THR D 148 13.85 23.79 -17.51
CA THR D 148 14.84 24.69 -16.93
C THR D 148 14.87 24.60 -15.40
N SER D 149 13.81 24.07 -14.78
CA SER D 149 13.86 23.78 -13.35
C SER D 149 14.83 22.63 -13.06
N MET D 150 14.87 21.62 -13.93
CA MET D 150 15.89 20.58 -13.79
C MET D 150 17.27 21.12 -14.13
N MET D 151 17.36 21.94 -15.18
CA MET D 151 18.63 22.57 -15.54
C MET D 151 19.19 23.42 -14.40
N GLU D 152 18.34 23.88 -13.49
CA GLU D 152 18.80 24.53 -12.27
C GLU D 152 18.98 23.54 -11.14
N PHE D 153 18.06 22.58 -11.00
CA PHE D 153 18.20 21.57 -9.95
C PHE D 153 19.53 20.84 -10.08
N PHE D 154 19.87 20.42 -11.29
CA PHE D 154 21.17 19.84 -11.56
C PHE D 154 22.25 20.81 -11.12
N LYS D 155 22.44 21.90 -11.88
CA LYS D 155 23.51 22.87 -11.66
C LYS D 155 23.79 23.14 -10.18
N GLU D 156 22.74 23.23 -9.36
CA GLU D 156 22.91 23.45 -7.93
C GLU D 156 23.36 22.20 -7.19
N ARG D 157 23.21 21.02 -7.79
CA ARG D 157 23.53 19.77 -7.12
C ARG D 157 24.91 19.23 -7.47
N ILE D 158 25.37 19.38 -8.72
CA ILE D 158 26.75 19.02 -9.00
C ILE D 158 27.70 19.92 -8.21
N ALA D 159 27.41 21.23 -8.18
CA ALA D 159 28.26 22.15 -7.43
C ALA D 159 28.25 21.82 -5.95
N ALA D 160 27.10 21.36 -5.43
CA ALA D 160 27.00 20.97 -4.03
C ALA D 160 27.81 19.71 -3.75
N LEU D 161 27.99 18.85 -4.75
CA LEU D 161 28.72 17.60 -4.55
C LEU D 161 30.22 17.78 -4.78
N VAL D 162 30.60 18.59 -5.78
CA VAL D 162 32.01 18.83 -6.05
C VAL D 162 32.67 19.52 -4.86
N GLU D 163 31.94 20.38 -4.16
CA GLU D 163 32.47 21.00 -2.96
C GLU D 163 32.77 19.95 -1.89
N ALA D 164 31.89 18.95 -1.74
CA ALA D 164 32.06 17.96 -0.69
C ALA D 164 33.32 17.13 -0.90
N GLY D 165 33.63 16.80 -2.15
CA GLY D 165 34.85 16.08 -2.43
C GLY D 165 34.78 15.15 -3.62
N VAL D 166 33.57 14.81 -4.06
CA VAL D 166 33.42 13.97 -5.25
C VAL D 166 33.81 14.78 -6.47
N LYS D 167 34.62 14.19 -7.34
CA LYS D 167 35.05 14.90 -8.54
C LYS D 167 33.93 14.81 -9.57
N ARG D 168 33.77 15.88 -10.36
CA ARG D 168 32.55 16.04 -11.15
C ARG D 168 32.37 14.95 -12.22
N GLU D 169 33.40 14.15 -12.49
CA GLU D 169 33.31 13.13 -13.53
C GLU D 169 32.68 11.84 -13.03
N ARG D 170 32.31 11.77 -11.76
CA ARG D 170 31.65 10.58 -11.24
C ARG D 170 30.14 10.65 -11.34
N ILE D 171 29.57 11.85 -11.49
CA ILE D 171 28.12 12.01 -11.48
C ILE D 171 27.56 11.75 -12.87
N ILE D 172 26.56 10.88 -12.94
CA ILE D 172 25.76 10.67 -14.14
C ILE D 172 24.41 11.31 -13.90
N LEU D 173 23.88 11.99 -14.91
CA LEU D 173 22.67 12.76 -14.78
C LEU D 173 21.50 11.99 -15.40
N ASP D 174 20.47 11.76 -14.60
CA ASP D 174 19.23 11.16 -15.08
C ASP D 174 18.15 12.22 -14.98
N PRO D 175 17.62 12.73 -16.10
CA PRO D 175 16.56 13.73 -16.00
C PRO D 175 15.25 13.17 -15.48
N GLY D 176 15.09 11.85 -15.42
CA GLY D 176 13.85 11.25 -14.99
C GLY D 176 12.83 11.25 -16.11
N MET D 177 11.80 10.42 -16.00
CA MET D 177 10.78 10.39 -17.03
C MET D 177 9.53 9.69 -16.54
N GLY D 178 8.44 9.93 -17.25
CA GLY D 178 7.19 9.26 -16.94
C GLY D 178 6.58 9.86 -15.70
N PHE D 179 6.28 8.98 -14.74
CA PHE D 179 5.59 9.35 -13.52
C PHE D 179 6.46 10.21 -12.60
N PHE D 180 7.67 10.52 -13.06
CA PHE D 180 8.62 11.37 -12.35
C PHE D 180 8.60 12.81 -12.83
N LEU D 181 7.78 13.14 -13.83
CA LEU D 181 7.71 14.49 -14.36
C LEU D 181 6.30 15.03 -14.38
N GLY D 182 5.33 14.32 -13.82
CA GLY D 182 3.96 14.76 -13.76
C GLY D 182 3.06 13.93 -14.67
N SER D 183 1.78 14.29 -14.65
CA SER D 183 0.82 13.58 -15.48
C SER D 183 0.97 13.93 -16.96
N ASN D 184 1.50 15.11 -17.25
CA ASN D 184 1.64 15.57 -18.61
C ASN D 184 2.60 14.67 -19.39
N PRO D 185 2.16 14.03 -20.48
CA PRO D 185 3.11 13.23 -21.27
C PRO D 185 4.04 14.10 -22.12
N GLU D 186 3.60 15.30 -22.49
CA GLU D 186 4.45 16.18 -23.29
C GLU D 186 5.68 16.62 -22.51
N THR D 187 5.61 16.63 -21.17
CA THR D 187 6.80 16.89 -20.37
C THR D 187 7.87 15.84 -20.65
N SER D 188 7.48 14.56 -20.61
CA SER D 188 8.43 13.48 -20.88
C SER D 188 8.88 13.49 -22.34
N ILE D 189 7.98 13.82 -23.26
CA ILE D 189 8.38 13.95 -24.66
C ILE D 189 9.39 15.08 -24.83
N LEU D 190 9.23 16.17 -24.06
CA LEU D 190 10.11 17.32 -24.19
C LEU D 190 11.54 16.97 -23.80
N VAL D 191 11.73 16.36 -22.63
CA VAL D 191 13.09 16.04 -22.18
C VAL D 191 13.70 14.95 -23.05
N LEU D 192 12.87 14.01 -23.52
CA LEU D 192 13.37 12.99 -24.44
C LEU D 192 13.88 13.63 -25.72
N LYS D 193 13.27 14.74 -26.14
CA LYS D 193 13.72 15.39 -27.37
C LYS D 193 14.92 16.29 -27.13
N ARG D 194 15.07 16.83 -25.92
CA ARG D 194 16.07 17.86 -25.66
C ARG D 194 17.09 17.44 -24.61
N PHE D 195 17.20 16.14 -24.31
CA PHE D 195 18.18 15.70 -23.33
C PHE D 195 19.63 15.92 -23.78
N PRO D 196 19.98 15.94 -25.07
CA PRO D 196 21.37 16.22 -25.43
C PRO D 196 21.85 17.61 -25.02
N GLU D 197 20.94 18.54 -24.72
CA GLU D 197 21.36 19.82 -24.19
C GLU D 197 21.91 19.70 -22.77
N ILE D 198 21.59 18.59 -22.09
CA ILE D 198 22.20 18.34 -20.78
C ILE D 198 23.66 17.91 -20.94
N GLN D 199 23.95 17.12 -21.98
CA GLN D 199 25.35 16.73 -22.23
C GLN D 199 26.21 17.93 -22.58
N GLU D 200 25.70 18.84 -23.40
CA GLU D 200 26.47 20.00 -23.79
C GLU D 200 26.67 20.96 -22.61
N ALA D 201 25.66 21.10 -21.76
CA ALA D 201 25.73 22.08 -20.67
C ALA D 201 26.75 21.67 -19.60
N PHE D 202 26.60 20.46 -19.05
CA PHE D 202 27.40 20.02 -17.91
C PHE D 202 28.65 19.23 -18.30
N ASN D 203 28.73 18.74 -19.54
CA ASN D 203 29.83 17.87 -19.97
C ASN D 203 29.90 16.62 -19.08
N LEU D 204 28.73 16.03 -18.83
CA LEU D 204 28.61 14.81 -18.05
C LEU D 204 27.85 13.77 -18.86
N GLN D 205 27.94 12.51 -18.43
CA GLN D 205 27.14 11.46 -19.06
C GLN D 205 25.67 11.63 -18.67
N VAL D 206 24.79 11.12 -19.53
CA VAL D 206 23.34 11.18 -19.29
C VAL D 206 22.76 9.79 -19.44
N MET D 207 21.93 9.39 -18.48
CA MET D 207 21.21 8.13 -18.55
C MET D 207 19.74 8.37 -18.82
N ILE D 208 19.18 7.58 -19.71
CA ILE D 208 17.76 7.67 -20.06
C ILE D 208 17.09 6.37 -19.66
N ALA D 209 15.93 6.48 -19.03
CA ALA D 209 15.15 5.34 -18.57
C ALA D 209 13.69 5.56 -18.97
N VAL D 210 13.27 5.00 -20.10
CA VAL D 210 11.90 5.13 -20.57
C VAL D 210 11.15 3.81 -20.55
N SER D 211 11.82 2.71 -20.20
CA SER D 211 11.22 1.38 -20.34
C SER D 211 9.91 1.27 -19.55
N ARG D 212 8.88 0.77 -20.21
CA ARG D 212 7.59 0.41 -19.62
C ARG D 212 6.82 1.61 -19.03
N LYS D 213 7.28 2.83 -19.25
CA LYS D 213 6.64 4.00 -18.64
C LYS D 213 5.36 4.38 -19.38
N SER D 214 4.33 4.75 -18.61
CA SER D 214 2.98 4.83 -19.16
C SER D 214 2.78 5.99 -20.11
N PHE D 215 3.67 6.99 -20.09
CA PHE D 215 3.49 8.12 -20.99
C PHE D 215 3.63 7.71 -22.44
N LEU D 216 4.47 6.70 -22.71
CA LEU D 216 4.52 6.12 -24.05
C LEU D 216 3.19 5.52 -24.45
N GLY D 217 2.43 5.01 -23.48
CA GLY D 217 1.15 4.39 -23.79
C GLY D 217 0.15 5.37 -24.36
N LYS D 218 0.22 6.62 -23.94
CA LYS D 218 -0.71 7.62 -24.43
C LYS D 218 -0.19 8.31 -25.68
N ILE D 219 0.91 7.83 -26.26
CA ILE D 219 1.39 8.27 -27.56
C ILE D 219 0.98 7.21 -28.58
N THR D 220 0.98 5.94 -28.15
CA THR D 220 0.60 4.84 -29.01
C THR D 220 -0.87 4.47 -28.91
N GLY D 221 -1.55 4.85 -27.82
CA GLY D 221 -2.90 4.39 -27.62
C GLY D 221 -3.01 2.92 -27.27
N THR D 222 -1.90 2.24 -27.03
CA THR D 222 -1.85 0.83 -26.63
C THR D 222 -1.23 0.71 -25.24
N ASP D 223 -1.17 -0.52 -24.74
CA ASP D 223 -0.75 -0.79 -23.37
C ASP D 223 0.76 -1.06 -23.33
N VAL D 224 1.51 -0.13 -22.74
CA VAL D 224 2.95 -0.30 -22.63
C VAL D 224 3.35 -1.31 -21.56
N LYS D 225 2.45 -1.59 -20.60
CA LYS D 225 2.78 -2.49 -19.52
C LYS D 225 3.05 -3.91 -20.00
N SER D 226 2.57 -4.29 -21.19
CA SER D 226 2.74 -5.64 -21.69
C SER D 226 3.33 -5.71 -23.09
N ARG D 227 3.56 -4.57 -23.74
CA ARG D 227 4.02 -4.54 -25.13
C ARG D 227 5.34 -3.78 -25.21
N LEU D 228 6.26 -4.31 -26.01
CA LEU D 228 7.64 -3.82 -26.07
C LEU D 228 7.84 -2.73 -27.11
N ALA D 229 7.04 -2.71 -28.18
CA ALA D 229 7.31 -1.80 -29.30
C ALA D 229 7.35 -0.33 -28.87
N PRO D 230 6.39 0.21 -28.11
CA PRO D 230 6.51 1.63 -27.73
C PRO D 230 7.75 1.92 -26.89
N THR D 231 8.23 0.93 -26.15
CA THR D 231 9.46 1.11 -25.38
C THR D 231 10.67 1.10 -26.30
N LEU D 232 10.80 0.04 -27.11
CA LEU D 232 12.01 -0.15 -27.90
C LEU D 232 12.20 0.97 -28.91
N ALA D 233 11.10 1.47 -29.46
CA ALA D 233 11.20 2.58 -30.40
C ALA D 233 11.68 3.84 -29.70
N ALA D 234 11.30 4.01 -28.42
CA ALA D 234 11.76 5.16 -27.66
C ALA D 234 13.21 5.01 -27.24
N GLU D 235 13.63 3.81 -26.85
CA GLU D 235 15.01 3.59 -26.45
C GLU D 235 15.97 3.77 -27.61
N MET D 236 15.53 3.48 -28.84
CA MET D 236 16.40 3.68 -29.98
C MET D 236 16.47 5.13 -30.40
N TYR D 237 15.44 5.92 -30.11
CA TYR D 237 15.57 7.37 -30.26
C TYR D 237 16.61 7.91 -29.29
N ALA D 238 16.65 7.39 -28.07
CA ALA D 238 17.66 7.82 -27.10
C ALA D 238 19.05 7.43 -27.57
N TYR D 239 19.20 6.20 -28.07
CA TYR D 239 20.50 5.76 -28.56
C TYR D 239 20.96 6.63 -29.72
N LYS D 240 20.08 6.86 -30.70
CA LYS D 240 20.46 7.68 -31.85
C LYS D 240 20.78 9.11 -31.44
N LYS D 241 20.16 9.60 -30.37
CA LYS D 241 20.37 10.99 -29.97
C LYS D 241 21.62 11.17 -29.11
N GLY D 242 22.15 10.11 -28.54
CA GLY D 242 23.46 10.18 -27.93
C GLY D 242 23.48 9.77 -26.47
N ALA D 243 22.48 9.00 -26.04
CA ALA D 243 22.43 8.57 -24.66
C ALA D 243 23.66 7.75 -24.33
N ASP D 244 24.21 7.98 -23.14
CA ASP D 244 25.37 7.23 -22.68
C ASP D 244 24.97 5.93 -21.99
N TYR D 245 23.90 5.97 -21.18
CA TYR D 245 23.41 4.80 -20.47
C TYR D 245 21.91 4.69 -20.69
N LEU D 246 21.43 3.44 -20.82
CA LEU D 246 20.01 3.15 -21.00
C LEU D 246 19.59 2.12 -19.98
N ARG D 247 18.46 2.36 -19.32
CA ARG D 247 17.93 1.47 -18.29
C ARG D 247 16.67 0.82 -18.81
N THR D 248 16.61 -0.52 -18.75
CA THR D 248 15.51 -1.23 -19.39
C THR D 248 15.24 -2.54 -18.67
N HIS D 249 14.01 -3.03 -18.85
CA HIS D 249 13.64 -4.36 -18.38
C HIS D 249 14.08 -5.44 -19.36
N ASP D 250 13.76 -5.25 -20.65
CA ASP D 250 14.06 -6.23 -21.69
C ASP D 250 15.41 -5.91 -22.31
N VAL D 251 16.46 -6.39 -21.65
CA VAL D 251 17.82 -6.11 -22.11
C VAL D 251 18.06 -6.71 -23.49
N LYS D 252 17.63 -7.95 -23.69
CA LYS D 252 17.94 -8.66 -24.93
C LYS D 252 17.36 -7.93 -26.14
N SER D 253 16.08 -7.55 -26.06
CA SER D 253 15.45 -6.84 -27.16
C SER D 253 16.21 -5.56 -27.51
N LEU D 254 16.69 -4.85 -26.49
CA LEU D 254 17.45 -3.63 -26.75
C LEU D 254 18.81 -3.96 -27.35
N SER D 255 19.46 -5.01 -26.86
CA SER D 255 20.78 -5.38 -27.37
C SER D 255 20.73 -5.65 -28.87
N ASP D 256 19.75 -6.43 -29.32
CA ASP D 256 19.61 -6.69 -30.75
C ASP D 256 19.27 -5.43 -31.52
N ALA D 257 18.31 -4.65 -31.01
CA ALA D 257 18.02 -3.37 -31.63
C ALA D 257 19.28 -2.53 -31.79
N LEU D 258 20.18 -2.57 -30.80
CA LEU D 258 21.41 -1.79 -30.92
C LEU D 258 22.33 -2.38 -31.99
N LYS D 259 22.43 -3.71 -32.03
CA LYS D 259 23.30 -4.37 -33.01
C LYS D 259 22.86 -4.06 -34.44
N ILE D 260 21.55 -4.02 -34.67
CA ILE D 260 21.05 -3.72 -36.00
C ILE D 260 21.30 -2.26 -36.36
N SER D 261 21.08 -1.34 -35.42
CA SER D 261 21.32 0.08 -35.70
C SER D 261 22.77 0.32 -36.04
N LYS D 262 23.68 -0.42 -35.40
CA LYS D 262 25.09 -0.35 -35.76
C LYS D 262 25.34 -0.95 -37.12
N ALA D 263 24.66 -2.06 -37.44
CA ALA D 263 24.89 -2.72 -38.73
C ALA D 263 24.46 -1.83 -39.89
N LEU D 264 23.31 -1.18 -39.79
CA LEU D 264 22.81 -0.33 -40.86
C LEU D 264 23.32 1.10 -40.76
N GLY D 265 24.02 1.45 -39.68
CA GLY D 265 24.56 2.78 -39.50
C GLY D 265 25.68 3.14 -40.47
#